data_6MTM
#
_entry.id   6MTM
#
_cell.length_a   46.806
_cell.length_b   97.915
_cell.length_c   189.594
_cell.angle_alpha   90.000
_cell.angle_beta   90.000
_cell.angle_gamma   90.000
#
_symmetry.space_group_name_H-M   'P 21 21 21'
#
loop_
_entity.id
_entity.type
_entity.pdbx_description
1 polymer 'HLA class I histocompatibility antigen, B-37 alpha chain'
2 polymer Beta-2-microglobulin
3 polymer 'NP338 influenza peptide'
4 polymer 'EM2 TCR alpha chain'
5 polymer 'EM2 TCR beta chain'
#
loop_
_entity_poly.entity_id
_entity_poly.type
_entity_poly.pdbx_seq_one_letter_code
_entity_poly.pdbx_strand_id
1 'polypeptide(L)'
;GSHSMRYFHTSVSRPGRGEPRFISVGYVDDTQFVRFDSDAASPRTEPRAPWIEQEGPEYWDRETQISKTNTQTYREDLRT
LLRYYNQSEAGSHTIQRMSGCDVGPDGRLLRGYNQFAYDGKDYIALNEDLSSWTAADTAAQITQRKWEAARVAEQDRAYL
EGTCVEWLRRYLENGKETLQRADPPKTHVTHHPISDHEATLRCWALGFYPAEITLTWQRDGEDQTQDTELVETRPAGDRT
FQKWAAVVVPSGEEQRYTCHVQHEGLPKPLTLRWEP
;
A
2 'polypeptide(L)'
;IQRTPKIQVYSRHPAENGKSNFLNCYVSGFHPSDIEVDLLKNGERIEKVEHSDLSFSKDWSFYLLYYTEFTPTEKDEYAC
RVNHVTLSQPKIVKWDRDM
;
B
3 'polypeptide(L)' FEDLRVLSF C
4 'polypeptide(L)'
;QPVQSPQAVILREGEDAVINCSSSKALYSVHWYRQKHGEAPVFLMILLKGGEQKGHEKISASFNEKKQQSSLYLTASQLS
YSGTYFCGTERSGGYQKVTFGIGTKLQVIPNIQNPDPAVYQLRDSVCLFTDFDSQTNVSQSKDSDVYITDKCVLDMRSMD
FKSNSAVAWSNKSDFACANAFNNSIIPEDTFFP
;
D
5 'polypeptide(L)'
;GITQSPKYLFRKEGQNVTLSCEQNLNHDAMYWYRQDPGQGLRLIYYSQIVNDFQKGDIAEGYSVSREKKESFPLTVTSAQ
PTAFYLCASSMSAMGTEAFFGQGTRLTVVEDLKNVFPPEVAVFEPSEAEISHTQKATLVCLATGFYPDHVELSWWVNGKE
VHSGVCTDPQPLKEQPALNDSRYALSSRLRVSATFWQDPRNHFRCQVQFYGLSENDEWTQDRAKPVTQIVSAEAWGR
;
E
#
# COMPACT_ATOMS: atom_id res chain seq x y z
N GLY A 1 7.93 -25.43 -26.76
CA GLY A 1 6.50 -25.19 -26.77
C GLY A 1 6.04 -24.20 -25.72
N SER A 2 6.12 -24.61 -24.44
CA SER A 2 5.72 -23.79 -23.29
C SER A 2 6.82 -22.81 -22.87
N HIS A 3 6.42 -21.78 -22.07
CA HIS A 3 7.30 -20.73 -21.57
C HIS A 3 6.94 -20.38 -20.12
N SER A 4 7.95 -20.00 -19.30
CA SER A 4 7.78 -19.65 -17.89
C SER A 4 8.52 -18.40 -17.49
N MET A 5 7.96 -17.62 -16.54
CA MET A 5 8.64 -16.47 -15.94
C MET A 5 8.71 -16.67 -14.44
N ARG A 6 9.92 -16.55 -13.87
CA ARG A 6 10.14 -16.74 -12.45
C ARG A 6 10.93 -15.63 -11.79
N TYR A 7 10.60 -15.34 -10.52
CA TYR A 7 11.27 -14.35 -9.68
C TYR A 7 11.65 -14.98 -8.35
N PHE A 8 12.95 -15.34 -8.22
CA PHE A 8 13.51 -15.96 -7.05
C PHE A 8 13.99 -14.93 -6.04
N HIS A 9 13.57 -15.09 -4.77
CA HIS A 9 13.90 -14.20 -3.66
C HIS A 9 14.64 -14.93 -2.57
N THR A 10 15.64 -14.26 -1.98
CA THR A 10 16.41 -14.82 -0.88
C THR A 10 16.69 -13.70 0.13
N SER A 11 16.32 -13.95 1.38
CA SER A 11 16.52 -13.03 2.49
C SER A 11 17.25 -13.80 3.60
N VAL A 12 18.52 -13.46 3.85
CA VAL A 12 19.36 -14.15 4.81
C VAL A 12 19.70 -13.22 5.97
N SER A 13 19.31 -13.61 7.20
CA SER A 13 19.62 -12.82 8.39
C SER A 13 21.01 -13.19 8.87
N ARG A 14 21.87 -12.19 9.09
CA ARG A 14 23.25 -12.40 9.53
C ARG A 14 23.51 -11.65 10.85
N PRO A 15 22.90 -12.02 12.01
CA PRO A 15 23.17 -11.26 13.24
C PRO A 15 24.60 -11.48 13.72
N GLY A 16 25.17 -10.46 14.35
CA GLY A 16 26.55 -10.51 14.82
C GLY A 16 27.51 -10.01 13.77
N ARG A 17 27.02 -9.95 12.51
CA ARG A 17 27.71 -9.51 11.31
C ARG A 17 27.12 -8.15 10.82
N GLY A 18 25.79 -8.06 10.76
CA GLY A 18 25.07 -6.86 10.33
C GLY A 18 23.68 -7.06 9.76
N GLU A 19 23.23 -6.08 8.96
CA GLU A 19 21.89 -6.07 8.34
C GLU A 19 21.68 -7.25 7.38
N PRO A 20 20.43 -7.76 7.20
CA PRO A 20 20.23 -8.91 6.29
C PRO A 20 20.49 -8.60 4.82
N ARG A 21 20.63 -9.65 4.00
CA ARG A 21 20.87 -9.55 2.57
C ARG A 21 19.59 -9.88 1.80
N PHE A 22 19.31 -9.09 0.76
CA PHE A 22 18.17 -9.34 -0.12
C PHE A 22 18.63 -9.43 -1.57
N ILE A 23 18.48 -10.60 -2.20
CA ILE A 23 18.85 -10.77 -3.59
C ILE A 23 17.66 -11.31 -4.37
N SER A 24 17.14 -10.50 -5.31
CA SER A 24 16.03 -10.91 -6.17
C SER A 24 16.52 -11.07 -7.61
N VAL A 25 16.32 -12.27 -8.19
CA VAL A 25 16.74 -12.58 -9.55
C VAL A 25 15.56 -13.05 -10.39
N GLY A 26 15.42 -12.49 -11.58
CA GLY A 26 14.36 -12.86 -12.51
C GLY A 26 14.87 -13.72 -13.65
N TYR A 27 14.00 -14.63 -14.14
CA TYR A 27 14.31 -15.53 -15.25
C TYR A 27 13.16 -15.68 -16.25
N VAL A 28 13.48 -15.69 -17.54
CA VAL A 28 12.53 -16.00 -18.59
C VAL A 28 13.03 -17.35 -19.07
N ASP A 29 12.30 -18.41 -18.67
CA ASP A 29 12.60 -19.81 -18.90
C ASP A 29 13.85 -20.20 -18.13
N ASP A 30 15.02 -20.23 -18.78
CA ASP A 30 16.27 -20.59 -18.11
C ASP A 30 17.32 -19.47 -18.25
N THR A 31 16.87 -18.29 -18.69
CA THR A 31 17.75 -17.12 -18.90
C THR A 31 17.47 -16.04 -17.86
N GLN A 32 18.54 -15.55 -17.19
CA GLN A 32 18.44 -14.45 -16.23
C GLN A 32 18.40 -13.11 -17.00
N PHE A 33 17.53 -12.17 -16.56
CA PHE A 33 17.39 -10.84 -17.19
C PHE A 33 17.52 -9.67 -16.22
N VAL A 34 17.15 -9.87 -14.94
CA VAL A 34 17.26 -8.84 -13.89
C VAL A 34 17.97 -9.36 -12.66
N ARG A 35 18.52 -8.43 -11.89
CA ARG A 35 19.25 -8.70 -10.67
C ARG A 35 19.19 -7.49 -9.76
N PHE A 36 18.84 -7.71 -8.49
CA PHE A 36 18.86 -6.71 -7.42
C PHE A 36 19.38 -7.38 -6.16
N ASP A 37 20.64 -7.08 -5.81
CA ASP A 37 21.28 -7.57 -4.60
C ASP A 37 21.46 -6.35 -3.71
N SER A 38 20.90 -6.38 -2.49
CA SER A 38 20.98 -5.25 -1.56
C SER A 38 22.38 -5.07 -0.99
N ASP A 39 23.24 -6.08 -1.21
CA ASP A 39 24.63 -6.13 -0.77
C ASP A 39 25.63 -5.53 -1.79
N ALA A 40 25.09 -5.01 -2.92
CA ALA A 40 25.91 -4.35 -3.95
C ALA A 40 26.35 -2.97 -3.44
N ALA A 41 27.38 -2.38 -4.06
CA ALA A 41 27.92 -1.06 -3.68
C ALA A 41 26.81 -0.01 -3.79
N SER A 42 26.11 0.02 -4.93
CA SER A 42 24.99 0.91 -5.18
C SER A 42 23.79 0.05 -5.63
N PRO A 43 23.02 -0.53 -4.67
CA PRO A 43 21.90 -1.41 -5.04
C PRO A 43 20.93 -0.81 -6.05
N ARG A 44 20.70 -1.56 -7.13
CA ARG A 44 19.88 -1.14 -8.27
C ARG A 44 19.46 -2.38 -9.05
N THR A 45 18.28 -2.34 -9.71
CA THR A 45 17.80 -3.41 -10.59
C THR A 45 18.66 -3.29 -11.85
N GLU A 46 19.48 -4.31 -12.12
CA GLU A 46 20.44 -4.31 -13.22
C GLU A 46 20.11 -5.28 -14.35
N PRO A 47 20.43 -4.92 -15.63
CA PRO A 47 20.18 -5.87 -16.73
C PRO A 47 21.12 -7.06 -16.67
N ARG A 48 20.66 -8.22 -17.16
CA ARG A 48 21.42 -9.46 -17.14
C ARG A 48 21.34 -10.21 -18.48
N ALA A 49 20.33 -9.87 -19.28
CA ALA A 49 20.11 -10.41 -20.61
C ALA A 49 20.25 -9.25 -21.59
N PRO A 50 20.78 -9.45 -22.82
CA PRO A 50 20.91 -8.33 -23.76
C PRO A 50 19.55 -7.73 -24.17
N TRP A 51 18.52 -8.57 -24.33
CA TRP A 51 17.15 -8.23 -24.76
C TRP A 51 16.26 -7.53 -23.70
N ILE A 52 16.88 -6.98 -22.63
CA ILE A 52 16.14 -6.28 -21.57
C ILE A 52 16.54 -4.80 -21.47
N GLU A 53 17.69 -4.41 -22.03
CA GLU A 53 18.16 -3.02 -21.97
C GLU A 53 17.29 -2.06 -22.75
N GLN A 54 16.47 -2.60 -23.68
CA GLN A 54 15.54 -1.82 -24.50
C GLN A 54 14.41 -1.20 -23.68
N GLU A 55 14.24 -1.68 -22.43
CA GLU A 55 13.25 -1.16 -21.49
C GLU A 55 13.71 0.22 -21.07
N GLY A 56 12.76 1.15 -21.00
CA GLY A 56 13.00 2.55 -20.67
C GLY A 56 13.51 2.81 -19.26
N PRO A 57 13.95 4.05 -18.97
CA PRO A 57 14.46 4.35 -17.63
C PRO A 57 13.44 4.11 -16.51
N GLU A 58 12.15 4.34 -16.81
CA GLU A 58 11.02 4.15 -15.89
C GLU A 58 10.92 2.70 -15.38
N TYR A 59 11.14 1.70 -16.26
CA TYR A 59 11.11 0.27 -15.92
C TYR A 59 12.08 -0.01 -14.76
N TRP A 60 13.36 0.40 -14.94
CA TRP A 60 14.43 0.24 -13.97
C TRP A 60 14.14 0.98 -12.68
N ASP A 61 13.69 2.24 -12.80
CA ASP A 61 13.36 3.11 -11.68
C ASP A 61 12.26 2.55 -10.79
N ARG A 62 11.17 2.03 -11.39
CA ARG A 62 10.05 1.44 -10.66
C ARG A 62 10.41 0.12 -9.99
N GLU A 63 11.23 -0.71 -10.67
CA GLU A 63 11.69 -2.01 -10.15
C GLU A 63 12.64 -1.84 -8.98
N THR A 64 13.47 -0.78 -9.01
CA THR A 64 14.45 -0.46 -7.97
C THR A 64 13.72 -0.08 -6.67
N GLN A 65 12.65 0.72 -6.77
CA GLN A 65 11.82 1.13 -5.64
C GLN A 65 11.12 -0.09 -5.03
N ILE A 66 10.51 -0.95 -5.87
CA ILE A 66 9.82 -2.19 -5.49
C ILE A 66 10.79 -3.09 -4.69
N SER A 67 12.04 -3.22 -5.17
CA SER A 67 13.12 -4.00 -4.54
C SER A 67 13.69 -3.32 -3.28
N LYS A 68 13.78 -1.98 -3.25
CA LYS A 68 14.29 -1.25 -2.07
C LYS A 68 13.30 -1.27 -0.91
N THR A 69 12.03 -1.49 -1.22
CA THR A 69 10.94 -1.64 -0.27
C THR A 69 10.89 -3.12 0.17
N ASN A 70 10.86 -4.07 -0.82
CA ASN A 70 10.85 -5.52 -0.58
C ASN A 70 11.95 -5.96 0.40
N THR A 71 13.12 -5.29 0.36
CA THR A 71 14.27 -5.47 1.25
C THR A 71 13.84 -5.25 2.71
N GLN A 72 13.12 -4.14 2.96
CA GLN A 72 12.61 -3.76 4.29
C GLN A 72 11.45 -4.66 4.72
N THR A 73 10.68 -5.17 3.72
CA THR A 73 9.53 -6.06 3.95
C THR A 73 10.04 -7.40 4.44
N TYR A 74 11.07 -7.94 3.77
CA TYR A 74 11.71 -9.20 4.13
C TYR A 74 12.48 -9.08 5.44
N ARG A 75 12.92 -7.86 5.83
CA ARG A 75 13.61 -7.63 7.10
C ARG A 75 12.63 -7.93 8.23
N GLU A 76 11.43 -7.32 8.17
CA GLU A 76 10.34 -7.48 9.12
C GLU A 76 9.89 -8.93 9.24
N ASP A 77 9.88 -9.65 8.10
CA ASP A 77 9.50 -11.05 7.98
C ASP A 77 10.51 -11.96 8.68
N LEU A 78 11.81 -11.58 8.67
CA LEU A 78 12.82 -12.36 9.35
C LEU A 78 12.63 -12.23 10.86
N ARG A 79 12.17 -11.05 11.32
CA ARG A 79 11.87 -10.76 12.71
C ARG A 79 10.58 -11.48 13.13
N THR A 80 9.54 -11.42 12.29
CA THR A 80 8.22 -12.01 12.54
C THR A 80 8.31 -13.52 12.68
N LEU A 81 9.16 -14.16 11.86
CA LEU A 81 9.37 -15.61 11.88
C LEU A 81 10.20 -16.10 13.07
N LEU A 82 10.75 -15.17 13.88
CA LEU A 82 11.47 -15.54 15.09
C LEU A 82 10.42 -15.72 16.16
N ARG A 83 9.42 -14.82 16.18
CA ARG A 83 8.30 -14.86 17.12
C ARG A 83 7.43 -16.08 16.84
N TYR A 84 6.98 -16.23 15.57
CA TYR A 84 6.14 -17.32 15.07
C TYR A 84 6.72 -18.69 15.39
N TYR A 85 7.96 -18.94 14.90
CA TYR A 85 8.67 -20.21 15.05
C TYR A 85 9.34 -20.43 16.41
N ASN A 86 9.04 -19.56 17.41
CA ASN A 86 9.58 -19.62 18.77
C ASN A 86 11.14 -19.68 18.76
N GLN A 87 11.75 -18.88 17.88
CA GLN A 87 13.18 -18.79 17.67
C GLN A 87 13.78 -17.56 18.33
N SER A 88 15.07 -17.68 18.74
CA SER A 88 15.86 -16.63 19.38
C SER A 88 16.51 -15.72 18.31
N GLU A 89 17.01 -14.55 18.73
CA GLU A 89 17.62 -13.55 17.86
C GLU A 89 19.02 -13.88 17.36
N ALA A 90 19.84 -14.53 18.20
CA ALA A 90 21.23 -14.93 17.93
C ALA A 90 21.49 -15.65 16.62
N GLY A 91 20.57 -16.54 16.23
CA GLY A 91 20.69 -17.38 15.04
C GLY A 91 20.58 -16.67 13.70
N SER A 92 21.19 -17.28 12.68
CA SER A 92 21.18 -16.87 11.28
C SER A 92 20.15 -17.73 10.53
N HIS A 93 19.14 -17.08 9.92
CA HIS A 93 18.04 -17.73 9.19
C HIS A 93 17.90 -17.29 7.72
N THR A 94 17.05 -18.02 6.93
CA THR A 94 16.82 -17.78 5.49
C THR A 94 15.35 -17.90 5.06
N ILE A 95 14.84 -16.85 4.34
CA ILE A 95 13.47 -16.76 3.76
C ILE A 95 13.59 -16.76 2.24
N GLN A 96 12.87 -17.68 1.57
CA GLN A 96 12.89 -17.78 0.10
C GLN A 96 11.51 -17.66 -0.51
N ARG A 97 11.40 -16.90 -1.59
CA ARG A 97 10.15 -16.76 -2.31
C ARG A 97 10.32 -17.06 -3.79
N MET A 98 9.38 -17.82 -4.34
CA MET A 98 9.37 -18.12 -5.76
C MET A 98 8.03 -17.64 -6.33
N SER A 99 8.11 -16.56 -7.13
CA SER A 99 6.96 -15.95 -7.81
C SER A 99 7.03 -16.30 -9.32
N GLY A 100 5.94 -16.02 -10.04
CA GLY A 100 5.90 -16.28 -11.47
C GLY A 100 4.80 -17.19 -11.97
N CYS A 101 4.81 -17.45 -13.30
CA CYS A 101 3.78 -18.24 -13.96
C CYS A 101 4.31 -19.01 -15.18
N ASP A 102 3.63 -20.14 -15.49
CA ASP A 102 3.91 -20.96 -16.65
C ASP A 102 2.81 -20.71 -17.65
N VAL A 103 3.17 -20.49 -18.92
CA VAL A 103 2.22 -20.29 -20.01
C VAL A 103 2.48 -21.31 -21.12
N GLY A 104 1.41 -21.81 -21.71
CA GLY A 104 1.49 -22.77 -22.79
C GLY A 104 1.89 -22.16 -24.12
N PRO A 105 1.91 -22.97 -25.21
CA PRO A 105 2.27 -22.41 -26.53
C PRO A 105 1.29 -21.35 -27.02
N ASP A 106 0.02 -21.44 -26.56
CA ASP A 106 -1.05 -20.51 -26.91
C ASP A 106 -1.00 -19.17 -26.14
N GLY A 107 0.07 -18.96 -25.34
CA GLY A 107 0.31 -17.75 -24.57
C GLY A 107 -0.65 -17.49 -23.42
N ARG A 108 -1.48 -18.50 -23.08
CA ARG A 108 -2.47 -18.49 -22.03
C ARG A 108 -1.86 -19.03 -20.74
N LEU A 109 -2.24 -18.48 -19.57
CA LEU A 109 -1.78 -18.93 -18.25
C LEU A 109 -2.09 -20.43 -18.02
N LEU A 110 -1.06 -21.22 -17.66
CA LEU A 110 -1.15 -22.67 -17.39
C LEU A 110 -1.15 -22.91 -15.88
N ARG A 111 -0.20 -22.31 -15.14
CA ARG A 111 -0.10 -22.39 -13.69
C ARG A 111 0.48 -21.12 -13.10
N GLY A 112 -0.08 -20.69 -11.97
CA GLY A 112 0.37 -19.54 -11.20
C GLY A 112 1.11 -19.94 -9.94
N TYR A 113 2.11 -19.13 -9.54
CA TYR A 113 2.94 -19.44 -8.36
C TYR A 113 3.22 -18.27 -7.38
N ASN A 114 3.23 -18.60 -6.08
CA ASN A 114 3.57 -17.72 -4.96
C ASN A 114 3.89 -18.58 -3.74
N GLN A 115 5.11 -19.14 -3.77
CA GLN A 115 5.64 -20.03 -2.75
C GLN A 115 6.62 -19.33 -1.83
N PHE A 116 6.74 -19.83 -0.60
CA PHE A 116 7.66 -19.35 0.43
C PHE A 116 8.29 -20.51 1.18
N ALA A 117 9.55 -20.32 1.61
CA ALA A 117 10.30 -21.28 2.40
C ALA A 117 11.04 -20.60 3.53
N TYR A 118 11.10 -21.28 4.69
CA TYR A 118 11.85 -20.80 5.84
C TYR A 118 12.86 -21.86 6.19
N ASP A 119 14.15 -21.47 6.26
CA ASP A 119 15.27 -22.34 6.61
C ASP A 119 15.31 -23.64 5.80
N GLY A 120 15.25 -23.52 4.48
CA GLY A 120 15.29 -24.68 3.59
C GLY A 120 13.96 -25.34 3.34
N LYS A 121 13.19 -25.61 4.42
CA LYS A 121 11.86 -26.25 4.39
C LYS A 121 10.74 -25.26 4.02
N ASP A 122 9.63 -25.78 3.46
CA ASP A 122 8.45 -25.03 3.01
C ASP A 122 7.80 -24.19 4.10
N TYR A 123 7.17 -23.05 3.71
CA TYR A 123 6.47 -22.18 4.65
C TYR A 123 4.99 -22.02 4.26
N ILE A 124 4.71 -21.14 3.28
CA ILE A 124 3.36 -20.87 2.76
C ILE A 124 3.38 -20.85 1.20
N ALA A 125 2.52 -21.68 0.59
CA ALA A 125 2.42 -21.74 -0.87
C ALA A 125 0.99 -21.44 -1.30
N LEU A 126 0.82 -20.80 -2.46
CA LEU A 126 -0.50 -20.48 -3.00
C LEU A 126 -0.95 -21.71 -3.80
N ASN A 127 -2.18 -22.20 -3.53
CA ASN A 127 -2.72 -23.38 -4.23
C ASN A 127 -3.05 -23.05 -5.68
N GLU A 128 -3.01 -24.06 -6.58
CA GLU A 128 -3.25 -23.91 -8.04
C GLU A 128 -4.48 -23.09 -8.42
N ASP A 129 -5.54 -23.12 -7.58
CA ASP A 129 -6.79 -22.38 -7.76
C ASP A 129 -6.61 -20.85 -7.60
N LEU A 130 -5.45 -20.43 -7.06
CA LEU A 130 -5.06 -19.05 -6.79
C LEU A 130 -6.07 -18.33 -5.84
N SER A 131 -6.64 -19.11 -4.89
CA SER A 131 -7.62 -18.65 -3.91
C SER A 131 -7.22 -19.10 -2.50
N SER A 132 -6.74 -20.36 -2.38
CA SER A 132 -6.37 -20.99 -1.11
C SER A 132 -4.85 -21.10 -0.84
N TRP A 133 -4.50 -21.28 0.45
CA TRP A 133 -3.14 -21.37 0.96
C TRP A 133 -2.84 -22.73 1.60
N THR A 134 -1.59 -23.21 1.41
CA THR A 134 -1.09 -24.44 1.99
C THR A 134 -0.01 -24.08 3.00
N ALA A 135 -0.33 -24.22 4.30
CA ALA A 135 0.61 -23.92 5.38
C ALA A 135 1.39 -25.19 5.67
N ALA A 136 2.71 -25.06 5.84
CA ALA A 136 3.58 -26.21 6.15
C ALA A 136 3.33 -26.74 7.56
N ASP A 137 3.01 -25.83 8.50
CA ASP A 137 2.77 -26.13 9.92
C ASP A 137 1.81 -25.11 10.55
N THR A 138 1.60 -25.19 11.88
CA THR A 138 0.70 -24.30 12.62
C THR A 138 1.23 -22.86 12.76
N ALA A 139 2.57 -22.65 12.61
CA ALA A 139 3.16 -21.32 12.67
C ALA A 139 2.91 -20.57 11.35
N ALA A 140 2.88 -21.30 10.22
CA ALA A 140 2.63 -20.80 8.87
C ALA A 140 1.15 -20.48 8.71
N GLN A 141 0.27 -21.22 9.45
CA GLN A 141 -1.18 -21.05 9.50
C GLN A 141 -1.55 -19.64 10.01
N ILE A 142 -0.67 -19.05 10.87
CA ILE A 142 -0.79 -17.69 11.39
C ILE A 142 -0.70 -16.71 10.20
N THR A 143 0.22 -16.99 9.26
CA THR A 143 0.38 -16.20 8.03
C THR A 143 -0.81 -16.45 7.09
N GLN A 144 -1.25 -17.74 6.96
CA GLN A 144 -2.40 -18.16 6.16
C GLN A 144 -3.66 -17.37 6.56
N ARG A 145 -3.89 -17.24 7.87
CA ARG A 145 -5.03 -16.53 8.44
C ARG A 145 -4.90 -15.01 8.35
N LYS A 146 -3.67 -14.47 8.51
CA LYS A 146 -3.39 -13.03 8.37
C LYS A 146 -3.67 -12.59 6.94
N TRP A 147 -3.33 -13.45 5.97
CA TRP A 147 -3.46 -13.25 4.54
C TRP A 147 -4.88 -13.50 4.01
N GLU A 148 -5.62 -14.44 4.62
CA GLU A 148 -7.00 -14.76 4.23
C GLU A 148 -7.92 -13.61 4.56
N ALA A 149 -7.74 -13.01 5.75
CA ALA A 149 -8.52 -11.86 6.24
C ALA A 149 -8.25 -10.63 5.38
N ALA A 150 -6.98 -10.41 5.02
CA ALA A 150 -6.53 -9.28 4.21
C ALA A 150 -6.67 -9.52 2.70
N ARG A 151 -7.27 -10.68 2.31
CA ARG A 151 -7.54 -11.09 0.92
C ARG A 151 -6.27 -11.03 0.03
N VAL A 152 -5.14 -11.61 0.52
CA VAL A 152 -3.84 -11.61 -0.16
C VAL A 152 -3.89 -12.39 -1.49
N ALA A 153 -4.43 -13.62 -1.49
CA ALA A 153 -4.55 -14.52 -2.66
C ALA A 153 -5.20 -13.87 -3.88
N GLU A 154 -6.15 -12.95 -3.66
CA GLU A 154 -6.83 -12.23 -4.72
C GLU A 154 -5.85 -11.32 -5.45
N GLN A 155 -4.95 -10.64 -4.69
CA GLN A 155 -3.94 -9.72 -5.24
C GLN A 155 -2.91 -10.47 -6.10
N ASP A 156 -2.53 -11.69 -5.66
CA ASP A 156 -1.59 -12.53 -6.38
C ASP A 156 -2.18 -12.98 -7.71
N ARG A 157 -3.41 -13.54 -7.66
CA ARG A 157 -4.18 -14.01 -8.80
C ARG A 157 -4.24 -12.92 -9.87
N ALA A 158 -4.46 -11.64 -9.45
CA ALA A 158 -4.51 -10.48 -10.34
C ALA A 158 -3.20 -10.31 -11.14
N TYR A 159 -2.04 -10.49 -10.47
CA TYR A 159 -0.70 -10.37 -11.05
C TYR A 159 -0.37 -11.56 -11.93
N LEU A 160 -0.61 -12.79 -11.42
CA LEU A 160 -0.31 -14.04 -12.11
C LEU A 160 -1.14 -14.24 -13.37
N GLU A 161 -2.44 -13.89 -13.33
CA GLU A 161 -3.31 -13.98 -14.51
C GLU A 161 -3.04 -12.81 -15.49
N GLY A 162 -2.86 -11.61 -14.93
CA GLY A 162 -2.62 -10.40 -15.70
C GLY A 162 -1.16 -10.07 -15.97
N THR A 163 -0.60 -9.16 -15.14
CA THR A 163 0.75 -8.59 -15.19
C THR A 163 1.87 -9.56 -15.66
N CYS A 164 1.96 -10.74 -15.00
CA CYS A 164 2.97 -11.74 -15.25
C CYS A 164 2.89 -12.36 -16.64
N VAL A 165 1.66 -12.63 -17.14
CA VAL A 165 1.41 -13.20 -18.47
C VAL A 165 1.82 -12.19 -19.56
N GLU A 166 1.36 -10.93 -19.40
CA GLU A 166 1.60 -9.79 -20.28
C GLU A 166 3.10 -9.47 -20.39
N TRP A 167 3.84 -9.51 -19.26
CA TRP A 167 5.28 -9.22 -19.25
C TRP A 167 6.10 -10.36 -19.85
N LEU A 168 5.72 -11.63 -19.59
CA LEU A 168 6.38 -12.80 -20.17
C LEU A 168 6.26 -12.76 -21.70
N ARG A 169 5.06 -12.43 -22.22
CA ARG A 169 4.75 -12.27 -23.64
C ARG A 169 5.58 -11.15 -24.28
N ARG A 170 5.88 -10.09 -23.52
CA ARG A 170 6.69 -8.96 -24.00
C ARG A 170 8.17 -9.35 -24.05
N TYR A 171 8.66 -10.05 -22.98
CA TYR A 171 10.05 -10.50 -22.87
C TYR A 171 10.44 -11.47 -23.95
N LEU A 172 9.59 -12.47 -24.22
CA LEU A 172 9.81 -13.45 -25.29
C LEU A 172 9.94 -12.75 -26.65
N GLU A 173 9.11 -11.71 -26.90
CA GLU A 173 9.10 -10.92 -28.14
C GLU A 173 10.40 -10.13 -28.35
N ASN A 174 10.91 -9.48 -27.30
CA ASN A 174 12.15 -8.71 -27.35
C ASN A 174 13.33 -9.65 -27.59
N GLY A 175 13.34 -10.79 -26.88
CA GLY A 175 14.36 -11.82 -26.99
C GLY A 175 13.99 -12.96 -27.91
N LYS A 176 13.26 -12.64 -29.00
CA LYS A 176 12.76 -13.58 -30.01
C LYS A 176 13.86 -14.50 -30.55
N GLU A 177 14.97 -13.90 -31.04
CA GLU A 177 16.13 -14.57 -31.64
C GLU A 177 16.90 -15.50 -30.68
N THR A 178 16.70 -15.33 -29.37
CA THR A 178 17.41 -16.09 -28.34
C THR A 178 16.51 -17.02 -27.54
N LEU A 179 15.50 -16.45 -26.84
CA LEU A 179 14.55 -17.17 -25.99
C LEU A 179 13.71 -18.21 -26.71
N GLN A 180 13.37 -17.95 -27.99
CA GLN A 180 12.53 -18.83 -28.80
C GLN A 180 13.31 -19.54 -29.90
N ARG A 181 14.62 -19.68 -29.71
CA ARG A 181 15.47 -20.37 -30.68
C ARG A 181 15.86 -21.74 -30.16
N ALA A 182 15.63 -22.77 -31.00
CA ALA A 182 15.96 -24.16 -30.67
C ALA A 182 17.46 -24.39 -30.74
N ASP A 183 18.06 -24.83 -29.63
CA ASP A 183 19.49 -25.15 -29.54
C ASP A 183 19.64 -26.62 -29.12
N PRO A 184 19.92 -27.53 -30.08
CA PRO A 184 20.00 -28.96 -29.73
C PRO A 184 21.32 -29.38 -29.06
N PRO A 185 21.38 -30.54 -28.34
CA PRO A 185 22.65 -30.92 -27.69
C PRO A 185 23.70 -31.54 -28.61
N LYS A 186 24.98 -31.37 -28.24
CA LYS A 186 26.11 -31.95 -28.95
C LYS A 186 26.43 -33.30 -28.27
N THR A 187 25.89 -34.37 -28.87
CA THR A 187 25.96 -35.75 -28.36
C THR A 187 27.22 -36.52 -28.75
N HIS A 188 27.66 -37.40 -27.81
CA HIS A 188 28.77 -38.36 -27.88
C HIS A 188 28.84 -39.22 -26.62
N VAL A 189 29.43 -40.42 -26.73
CA VAL A 189 29.56 -41.37 -25.63
C VAL A 189 31.04 -41.58 -25.34
N THR A 190 31.41 -41.66 -24.05
CA THR A 190 32.79 -41.91 -23.62
C THR A 190 32.86 -43.26 -22.90
N HIS A 191 33.86 -44.07 -23.27
CA HIS A 191 34.06 -45.40 -22.70
C HIS A 191 35.31 -45.49 -21.82
N HIS A 192 35.14 -45.94 -20.56
CA HIS A 192 36.23 -46.11 -19.60
C HIS A 192 36.08 -47.40 -18.78
N PRO A 193 37.09 -48.29 -18.71
CA PRO A 193 36.93 -49.51 -17.92
C PRO A 193 37.17 -49.29 -16.43
N ILE A 194 36.09 -49.39 -15.62
CA ILE A 194 36.11 -49.20 -14.16
C ILE A 194 36.97 -50.30 -13.46
N SER A 195 37.09 -51.47 -14.11
CA SER A 195 37.88 -52.63 -13.66
C SER A 195 38.35 -53.46 -14.89
N ASP A 196 38.31 -54.81 -14.80
CA ASP A 196 38.71 -55.70 -15.87
C ASP A 196 37.49 -56.46 -16.41
N HIS A 197 36.55 -56.77 -15.50
CA HIS A 197 35.28 -57.46 -15.77
C HIS A 197 34.10 -56.47 -15.92
N GLU A 198 34.36 -55.14 -15.74
CA GLU A 198 33.35 -54.08 -15.84
C GLU A 198 33.88 -52.79 -16.51
N ALA A 199 32.97 -52.03 -17.17
CA ALA A 199 33.25 -50.77 -17.88
C ALA A 199 32.13 -49.70 -17.67
N THR A 200 32.39 -48.42 -18.06
CA THR A 200 31.42 -47.32 -17.91
C THR A 200 31.13 -46.65 -19.26
N LEU A 201 29.84 -46.50 -19.57
CA LEU A 201 29.38 -45.83 -20.78
C LEU A 201 28.70 -44.51 -20.39
N ARG A 202 29.45 -43.40 -20.46
CA ARG A 202 29.00 -42.05 -20.11
C ARG A 202 28.50 -41.31 -21.36
N CYS A 203 27.21 -40.97 -21.35
CA CYS A 203 26.55 -40.27 -22.46
C CYS A 203 26.57 -38.75 -22.24
N TRP A 204 27.34 -38.04 -23.08
CA TRP A 204 27.49 -36.58 -23.01
C TRP A 204 26.55 -35.80 -23.91
N ALA A 205 26.05 -34.68 -23.37
CA ALA A 205 25.18 -33.71 -24.04
C ALA A 205 25.71 -32.33 -23.63
N LEU A 206 26.12 -31.52 -24.62
CA LEU A 206 26.70 -30.20 -24.38
C LEU A 206 26.13 -29.13 -25.31
N GLY A 207 26.09 -27.89 -24.83
CA GLY A 207 25.60 -26.72 -25.54
C GLY A 207 24.15 -26.76 -25.96
N PHE A 208 23.23 -26.81 -24.99
CA PHE A 208 21.81 -26.88 -25.30
C PHE A 208 20.96 -25.91 -24.48
N TYR A 209 19.96 -25.32 -25.14
CA TYR A 209 18.98 -24.42 -24.57
C TYR A 209 17.61 -24.80 -25.15
N PRO A 210 16.56 -25.01 -24.32
CA PRO A 210 16.48 -24.84 -22.86
C PRO A 210 17.17 -25.95 -22.04
N ALA A 211 16.97 -25.95 -20.70
CA ALA A 211 17.56 -26.87 -19.73
C ALA A 211 16.96 -28.27 -19.72
N GLU A 212 15.63 -28.41 -19.95
CA GLU A 212 14.90 -29.68 -19.98
C GLU A 212 15.51 -30.67 -20.98
N ILE A 213 16.02 -31.80 -20.46
CA ILE A 213 16.62 -32.85 -21.27
C ILE A 213 16.43 -34.23 -20.60
N THR A 214 16.12 -35.25 -21.41
CA THR A 214 15.97 -36.61 -20.90
C THR A 214 17.07 -37.49 -21.52
N LEU A 215 17.87 -38.12 -20.67
CA LEU A 215 18.94 -39.02 -21.10
C LEU A 215 18.65 -40.37 -20.46
N THR A 216 18.23 -41.34 -21.27
CA THR A 216 17.92 -42.68 -20.77
C THR A 216 18.81 -43.75 -21.41
N TRP A 217 19.55 -44.48 -20.56
CA TRP A 217 20.39 -45.60 -20.98
C TRP A 217 19.50 -46.84 -20.87
N GLN A 218 19.31 -47.55 -22.00
CA GLN A 218 18.48 -48.76 -22.09
C GLN A 218 19.35 -49.94 -22.53
N ARG A 219 19.25 -51.09 -21.82
CA ARG A 219 19.99 -52.33 -22.15
C ARG A 219 19.01 -53.20 -22.94
N ASP A 220 18.92 -52.91 -24.27
CA ASP A 220 17.99 -53.50 -25.24
C ASP A 220 16.56 -52.99 -24.95
N GLY A 221 16.07 -53.30 -23.74
CA GLY A 221 14.77 -52.89 -23.21
C GLY A 221 14.84 -51.63 -22.37
N GLU A 222 13.81 -50.77 -22.53
CA GLU A 222 13.58 -49.46 -21.91
C GLU A 222 14.04 -49.28 -20.44
N ASP A 223 13.41 -50.04 -19.51
CA ASP A 223 13.63 -49.96 -18.06
C ASP A 223 15.03 -50.41 -17.60
N GLN A 224 15.97 -49.44 -17.54
CA GLN A 224 17.35 -49.62 -17.08
C GLN A 224 17.79 -48.38 -16.26
N THR A 225 16.79 -47.56 -15.89
CA THR A 225 16.92 -46.30 -15.14
C THR A 225 17.27 -46.49 -13.65
N GLN A 226 17.00 -47.66 -13.07
CA GLN A 226 17.29 -47.92 -11.66
C GLN A 226 18.80 -48.11 -11.34
N ASP A 227 19.64 -48.29 -12.38
CA ASP A 227 21.08 -48.53 -12.24
C ASP A 227 21.97 -47.56 -13.04
N THR A 228 21.36 -46.47 -13.59
CA THR A 228 22.06 -45.42 -14.34
C THR A 228 22.32 -44.24 -13.41
N GLU A 229 23.54 -43.67 -13.49
CA GLU A 229 23.95 -42.53 -12.69
C GLU A 229 24.01 -41.26 -13.54
N LEU A 230 23.25 -40.22 -13.16
CA LEU A 230 23.26 -38.96 -13.91
C LEU A 230 23.46 -37.73 -13.00
N VAL A 231 24.19 -36.74 -13.52
CA VAL A 231 24.45 -35.48 -12.82
C VAL A 231 23.28 -34.50 -13.03
N GLU A 232 23.32 -33.38 -12.29
CA GLU A 232 22.37 -32.29 -12.40
C GLU A 232 22.67 -31.57 -13.71
N THR A 233 21.62 -31.07 -14.41
CA THR A 233 21.82 -30.29 -15.63
C THR A 233 22.56 -29.02 -15.19
N ARG A 234 23.79 -28.86 -15.66
CA ARG A 234 24.69 -27.79 -15.29
C ARG A 234 24.84 -26.68 -16.35
N PRO A 235 25.02 -25.39 -15.95
CA PRO A 235 25.20 -24.33 -16.96
C PRO A 235 26.65 -24.14 -17.44
N ALA A 236 26.83 -23.93 -18.75
CA ALA A 236 28.14 -23.73 -19.37
C ALA A 236 28.70 -22.32 -19.08
N GLY A 237 27.81 -21.35 -18.87
CA GLY A 237 28.15 -19.97 -18.60
C GLY A 237 28.03 -19.07 -19.82
N ASP A 238 27.37 -19.55 -20.89
CA ASP A 238 27.16 -18.76 -22.09
C ASP A 238 25.73 -18.94 -22.66
N ARG A 239 24.74 -19.15 -21.73
CA ARG A 239 23.29 -19.39 -21.94
C ARG A 239 22.99 -20.89 -22.06
N THR A 240 23.84 -21.63 -22.81
CA THR A 240 23.71 -23.06 -23.06
C THR A 240 24.03 -23.90 -21.81
N PHE A 241 23.57 -25.19 -21.80
CA PHE A 241 23.71 -26.13 -20.67
C PHE A 241 24.46 -27.45 -21.02
N GLN A 242 24.78 -28.26 -19.99
CA GLN A 242 25.48 -29.55 -20.08
C GLN A 242 24.81 -30.60 -19.18
N LYS A 243 25.10 -31.90 -19.41
CA LYS A 243 24.62 -33.07 -18.65
C LYS A 243 25.14 -34.37 -19.23
N TRP A 244 25.55 -35.30 -18.34
CA TRP A 244 25.99 -36.65 -18.70
C TRP A 244 25.19 -37.71 -17.94
N ALA A 245 25.14 -38.93 -18.49
CA ALA A 245 24.46 -40.07 -17.87
C ALA A 245 25.31 -41.32 -18.10
N ALA A 246 25.82 -41.90 -17.01
CA ALA A 246 26.67 -43.08 -17.08
C ALA A 246 26.05 -44.32 -16.45
N VAL A 247 26.08 -45.42 -17.21
CA VAL A 247 25.61 -46.72 -16.77
C VAL A 247 26.84 -47.64 -16.70
N VAL A 248 26.89 -48.55 -15.71
CA VAL A 248 28.05 -49.44 -15.54
C VAL A 248 27.80 -50.78 -16.26
N VAL A 249 28.22 -50.82 -17.54
CA VAL A 249 28.13 -51.97 -18.44
C VAL A 249 29.13 -53.07 -17.97
N PRO A 250 28.85 -54.39 -18.10
CA PRO A 250 29.87 -55.39 -17.70
C PRO A 250 31.13 -55.33 -18.57
N SER A 251 31.55 -56.42 -19.26
CA SER A 251 32.77 -56.32 -20.08
C SER A 251 32.67 -56.94 -21.45
N GLY A 252 32.14 -58.17 -21.51
CA GLY A 252 32.03 -58.96 -22.73
C GLY A 252 31.08 -58.47 -23.82
N GLU A 253 30.22 -59.39 -24.28
CA GLU A 253 29.20 -59.18 -25.33
C GLU A 253 28.05 -58.29 -24.79
N GLU A 254 28.43 -57.18 -24.14
CA GLU A 254 27.54 -56.25 -23.45
C GLU A 254 27.53 -54.83 -24.01
N GLN A 255 28.64 -54.34 -24.59
CA GLN A 255 28.69 -52.99 -25.16
C GLN A 255 28.00 -52.93 -26.54
N ARG A 256 26.75 -53.41 -26.60
CA ARG A 256 25.94 -53.47 -27.81
C ARG A 256 24.63 -52.69 -27.74
N TYR A 257 24.19 -52.31 -26.52
CA TYR A 257 22.95 -51.54 -26.35
C TYR A 257 23.10 -50.01 -26.60
N THR A 258 21.97 -49.28 -26.62
CA THR A 258 21.93 -47.84 -26.95
C THR A 258 21.41 -46.88 -25.88
N CYS A 259 21.70 -45.56 -26.07
CA CYS A 259 21.24 -44.43 -25.25
C CYS A 259 20.30 -43.54 -26.07
N HIS A 260 19.27 -43.00 -25.41
CA HIS A 260 18.25 -42.16 -26.04
C HIS A 260 18.23 -40.77 -25.41
N VAL A 261 18.22 -39.73 -26.25
CA VAL A 261 18.24 -38.34 -25.82
C VAL A 261 17.09 -37.53 -26.40
N GLN A 262 16.28 -36.93 -25.50
CA GLN A 262 15.15 -36.06 -25.87
C GLN A 262 15.39 -34.62 -25.45
N HIS A 263 15.23 -33.69 -26.40
CA HIS A 263 15.34 -32.24 -26.27
C HIS A 263 14.40 -31.59 -27.30
N GLU A 264 13.64 -30.55 -26.90
CA GLU A 264 12.69 -29.88 -27.82
C GLU A 264 13.38 -29.23 -29.03
N GLY A 265 14.70 -29.03 -28.94
CA GLY A 265 15.52 -28.49 -30.00
C GLY A 265 15.86 -29.54 -31.05
N LEU A 266 15.47 -30.81 -30.81
CA LEU A 266 15.72 -31.93 -31.71
C LEU A 266 14.50 -32.25 -32.58
N PRO A 267 14.71 -32.46 -33.92
CA PRO A 267 13.58 -32.86 -34.78
C PRO A 267 13.04 -34.27 -34.49
N LYS A 268 13.91 -35.14 -33.94
CA LYS A 268 13.62 -36.53 -33.56
C LYS A 268 14.47 -36.90 -32.34
N PRO A 269 14.01 -37.81 -31.43
CA PRO A 269 14.86 -38.19 -30.28
C PRO A 269 16.02 -39.05 -30.78
N LEU A 270 17.24 -38.59 -30.54
CA LEU A 270 18.47 -39.21 -31.00
C LEU A 270 18.84 -40.50 -30.23
N THR A 271 19.44 -41.48 -30.93
CA THR A 271 19.85 -42.78 -30.39
C THR A 271 21.34 -43.04 -30.67
N LEU A 272 22.14 -43.14 -29.60
CA LEU A 272 23.60 -43.33 -29.64
C LEU A 272 24.08 -44.72 -29.26
N ARG A 273 25.08 -45.25 -30.01
CA ARG A 273 25.67 -46.56 -29.80
C ARG A 273 27.21 -46.44 -29.88
N TRP A 274 27.95 -46.91 -28.86
CA TRP A 274 29.41 -46.84 -28.83
C TRP A 274 30.10 -48.08 -29.42
N GLU A 275 31.23 -47.82 -30.09
CA GLU A 275 32.15 -48.77 -30.73
C GLU A 275 33.53 -48.09 -30.89
N PRO A 276 34.67 -48.79 -30.67
CA PRO A 276 35.97 -48.12 -30.83
C PRO A 276 36.50 -48.09 -32.27
N ILE B 1 17.10 -26.65 8.23
CA ILE B 1 17.75 -27.87 7.75
C ILE B 1 18.95 -27.57 6.83
N GLN B 2 20.06 -28.30 7.06
CA GLN B 2 21.30 -28.19 6.29
C GLN B 2 21.36 -29.25 5.18
N ARG B 3 21.91 -28.87 4.02
CA ARG B 3 22.08 -29.71 2.83
C ARG B 3 23.50 -29.50 2.26
N THR B 4 24.19 -30.61 1.91
CA THR B 4 25.56 -30.57 1.38
C THR B 4 25.61 -30.25 -0.15
N PRO B 5 26.47 -29.29 -0.58
CA PRO B 5 26.60 -28.99 -2.01
C PRO B 5 27.13 -30.15 -2.87
N LYS B 6 26.72 -30.18 -4.15
CA LYS B 6 27.11 -31.16 -5.15
C LYS B 6 28.08 -30.50 -6.14
N ILE B 7 29.38 -30.53 -5.78
CA ILE B 7 30.47 -29.90 -6.54
C ILE B 7 30.71 -30.62 -7.88
N GLN B 8 30.87 -29.83 -8.96
CA GLN B 8 31.15 -30.29 -10.33
C GLN B 8 32.17 -29.36 -10.98
N VAL B 9 33.31 -29.90 -11.42
CA VAL B 9 34.37 -29.11 -12.08
C VAL B 9 34.37 -29.49 -13.56
N TYR B 10 34.24 -28.48 -14.45
CA TYR B 10 34.16 -28.70 -15.89
C TYR B 10 34.49 -27.45 -16.69
N SER B 11 34.57 -27.59 -18.02
CA SER B 11 34.90 -26.50 -18.95
C SER B 11 33.68 -26.02 -19.73
N ARG B 12 33.74 -24.81 -20.33
CA ARG B 12 32.65 -24.24 -21.12
C ARG B 12 32.49 -25.00 -22.46
N HIS B 13 33.63 -25.39 -23.07
CA HIS B 13 33.71 -26.11 -24.35
C HIS B 13 34.67 -27.31 -24.16
N PRO B 14 34.79 -28.27 -25.12
CA PRO B 14 35.74 -29.38 -24.89
C PRO B 14 37.19 -28.93 -24.82
N ALA B 15 37.95 -29.53 -23.88
CA ALA B 15 39.35 -29.22 -23.59
C ALA B 15 40.31 -29.51 -24.74
N GLU B 16 40.86 -28.45 -25.32
CA GLU B 16 41.84 -28.49 -26.41
C GLU B 16 43.11 -27.83 -25.85
N ASN B 17 44.20 -28.61 -25.73
CA ASN B 17 45.46 -28.13 -25.20
C ASN B 17 45.95 -26.91 -25.98
N GLY B 18 46.30 -25.85 -25.24
CA GLY B 18 46.77 -24.58 -25.79
C GLY B 18 45.72 -23.59 -26.23
N LYS B 19 44.45 -24.03 -26.36
CA LYS B 19 43.33 -23.19 -26.82
C LYS B 19 42.45 -22.69 -25.66
N SER B 20 42.10 -21.38 -25.69
CA SER B 20 41.31 -20.65 -24.69
C SER B 20 39.94 -21.27 -24.37
N ASN B 21 39.62 -21.34 -23.05
CA ASN B 21 38.36 -21.88 -22.51
C ASN B 21 38.03 -21.29 -21.12
N PHE B 22 36.91 -21.72 -20.50
CA PHE B 22 36.50 -21.25 -19.17
C PHE B 22 36.37 -22.41 -18.20
N LEU B 23 36.99 -22.29 -17.00
CA LEU B 23 36.90 -23.33 -15.97
C LEU B 23 35.79 -22.99 -15.00
N ASN B 24 34.74 -23.83 -15.04
CA ASN B 24 33.54 -23.69 -14.24
C ASN B 24 33.51 -24.64 -13.04
N CYS B 25 32.91 -24.17 -11.95
CA CYS B 25 32.60 -24.94 -10.76
C CYS B 25 31.16 -24.64 -10.45
N TYR B 26 30.33 -25.67 -10.50
CA TYR B 26 28.91 -25.54 -10.26
C TYR B 26 28.51 -26.28 -9.01
N VAL B 27 28.33 -25.51 -7.93
CA VAL B 27 27.89 -26.02 -6.64
C VAL B 27 26.35 -26.01 -6.63
N SER B 28 25.73 -27.15 -6.26
CA SER B 28 24.27 -27.27 -6.28
C SER B 28 23.71 -28.08 -5.14
N GLY B 29 22.45 -27.82 -4.81
CA GLY B 29 21.74 -28.56 -3.78
C GLY B 29 22.06 -28.18 -2.34
N PHE B 30 22.82 -27.10 -2.12
CA PHE B 30 23.19 -26.68 -0.77
C PHE B 30 22.21 -25.75 -0.09
N HIS B 31 22.25 -25.75 1.25
CA HIS B 31 21.46 -24.88 2.14
C HIS B 31 22.15 -24.83 3.52
N PRO B 32 22.47 -23.64 4.10
CA PRO B 32 22.21 -22.26 3.63
C PRO B 32 23.05 -21.78 2.43
N SER B 33 22.77 -20.53 1.99
CA SER B 33 23.42 -19.84 0.88
C SER B 33 24.90 -19.52 1.11
N ASP B 34 25.30 -19.42 2.39
CA ASP B 34 26.66 -19.07 2.81
C ASP B 34 27.68 -20.13 2.37
N ILE B 35 28.20 -20.00 1.12
CA ILE B 35 29.19 -20.93 0.56
C ILE B 35 30.51 -20.19 0.18
N GLU B 36 31.65 -20.92 0.28
CA GLU B 36 32.97 -20.40 -0.09
C GLU B 36 33.63 -21.34 -1.11
N VAL B 37 33.61 -20.91 -2.38
CA VAL B 37 34.13 -21.68 -3.52
C VAL B 37 35.38 -20.98 -4.08
N ASP B 38 36.51 -21.70 -4.11
CA ASP B 38 37.77 -21.20 -4.64
C ASP B 38 38.21 -22.07 -5.80
N LEU B 39 38.76 -21.46 -6.87
CA LEU B 39 39.26 -22.20 -8.02
C LEU B 39 40.79 -22.26 -7.99
N LEU B 40 41.34 -23.48 -8.12
CA LEU B 40 42.79 -23.72 -8.01
C LEU B 40 43.49 -24.16 -9.29
N LYS B 41 44.73 -23.65 -9.47
CA LYS B 41 45.67 -23.97 -10.54
C LYS B 41 46.93 -24.51 -9.83
N ASN B 42 47.13 -25.84 -9.92
CA ASN B 42 48.22 -26.60 -9.30
C ASN B 42 48.28 -26.36 -7.80
N GLY B 43 47.11 -26.50 -7.15
CA GLY B 43 46.94 -26.30 -5.72
C GLY B 43 47.03 -24.86 -5.24
N GLU B 44 46.90 -23.88 -6.18
CA GLU B 44 46.97 -22.45 -5.90
C GLU B 44 45.74 -21.66 -6.39
N ARG B 45 45.15 -20.83 -5.52
CA ARG B 45 43.99 -19.96 -5.77
C ARG B 45 44.18 -19.00 -6.98
N ILE B 46 43.05 -18.49 -7.56
CA ILE B 46 43.00 -17.54 -8.69
C ILE B 46 42.29 -16.25 -8.24
N GLU B 47 42.90 -15.07 -8.48
CA GLU B 47 42.33 -13.77 -8.12
C GLU B 47 41.17 -13.38 -9.03
N LYS B 48 41.38 -13.51 -10.36
CA LYS B 48 40.42 -13.20 -11.41
C LYS B 48 39.36 -14.34 -11.50
N VAL B 49 38.33 -14.28 -10.62
CA VAL B 49 37.25 -15.28 -10.57
C VAL B 49 35.89 -14.59 -10.29
N GLU B 50 34.98 -14.65 -11.26
CA GLU B 50 33.62 -14.07 -11.14
C GLU B 50 32.67 -15.19 -10.73
N HIS B 51 31.37 -14.87 -10.51
CA HIS B 51 30.31 -15.82 -10.19
C HIS B 51 28.92 -15.29 -10.51
N SER B 52 28.00 -16.25 -10.77
CA SER B 52 26.59 -16.02 -11.09
C SER B 52 25.81 -15.54 -9.85
N ASP B 53 24.65 -14.96 -10.07
CA ASP B 53 23.78 -14.44 -9.00
C ASP B 53 23.05 -15.57 -8.27
N LEU B 54 22.93 -15.44 -6.94
CA LEU B 54 22.31 -16.45 -6.06
C LEU B 54 20.89 -16.81 -6.45
N SER B 55 20.68 -18.09 -6.75
CA SER B 55 19.38 -18.63 -7.12
C SER B 55 19.24 -20.10 -6.64
N PHE B 56 18.00 -20.63 -6.66
CA PHE B 56 17.68 -21.99 -6.19
C PHE B 56 16.73 -22.76 -7.12
N SER B 57 16.50 -24.05 -6.81
CA SER B 57 15.60 -24.95 -7.55
C SER B 57 14.23 -25.03 -6.83
N LYS B 58 13.30 -25.88 -7.36
CA LYS B 58 11.96 -26.07 -6.78
C LYS B 58 12.06 -26.54 -5.32
N ASP B 59 12.99 -27.49 -5.04
CA ASP B 59 13.26 -28.05 -3.72
C ASP B 59 13.99 -27.06 -2.78
N TRP B 60 14.02 -25.77 -3.15
CA TRP B 60 14.61 -24.63 -2.43
C TRP B 60 16.14 -24.63 -2.34
N SER B 61 16.81 -25.76 -2.70
CA SER B 61 18.27 -25.95 -2.64
C SER B 61 19.00 -24.96 -3.57
N PHE B 62 20.06 -24.29 -3.07
CA PHE B 62 20.81 -23.25 -3.79
C PHE B 62 21.76 -23.77 -4.88
N TYR B 63 22.09 -22.88 -5.86
CA TYR B 63 23.00 -23.15 -6.99
C TYR B 63 23.80 -21.90 -7.42
N LEU B 64 25.12 -22.08 -7.63
CA LEU B 64 26.05 -21.04 -8.03
C LEU B 64 27.08 -21.53 -9.04
N LEU B 65 27.46 -20.66 -9.98
CA LEU B 65 28.48 -20.94 -10.99
C LEU B 65 29.67 -20.00 -10.81
N TYR B 66 30.84 -20.57 -10.49
CA TYR B 66 32.11 -19.87 -10.31
C TYR B 66 32.93 -20.20 -11.53
N TYR B 67 33.41 -19.16 -12.23
CA TYR B 67 34.11 -19.30 -13.51
C TYR B 67 35.28 -18.36 -13.73
N THR B 68 36.28 -18.82 -14.52
CA THR B 68 37.48 -18.06 -14.91
C THR B 68 38.02 -18.51 -16.27
N GLU B 69 38.60 -17.54 -17.02
CA GLU B 69 39.23 -17.77 -18.33
C GLU B 69 40.53 -18.55 -18.10
N PHE B 70 40.79 -19.58 -18.93
CA PHE B 70 41.99 -20.40 -18.80
C PHE B 70 42.45 -21.03 -20.12
N THR B 71 43.72 -21.49 -20.16
CA THR B 71 44.33 -22.16 -21.31
C THR B 71 44.74 -23.57 -20.86
N PRO B 72 43.94 -24.61 -21.19
CA PRO B 72 44.29 -25.97 -20.74
C PRO B 72 45.55 -26.54 -21.39
N THR B 73 46.44 -27.13 -20.57
CA THR B 73 47.68 -27.78 -21.01
C THR B 73 47.79 -29.12 -20.30
N GLU B 74 48.46 -30.11 -20.92
CA GLU B 74 48.62 -31.45 -20.34
C GLU B 74 49.48 -31.45 -19.05
N LYS B 75 50.15 -30.32 -18.74
CA LYS B 75 50.97 -30.16 -17.53
C LYS B 75 50.22 -29.44 -16.42
N ASP B 76 49.44 -28.38 -16.74
CA ASP B 76 48.66 -27.62 -15.75
C ASP B 76 47.52 -28.46 -15.18
N GLU B 77 47.31 -28.37 -13.86
CA GLU B 77 46.27 -29.10 -13.13
C GLU B 77 45.26 -28.14 -12.52
N TYR B 78 43.96 -28.45 -12.71
CA TYR B 78 42.85 -27.62 -12.24
C TYR B 78 41.94 -28.37 -11.27
N ALA B 79 41.61 -27.72 -10.14
CA ALA B 79 40.77 -28.31 -9.10
C ALA B 79 39.89 -27.24 -8.41
N CYS B 80 39.04 -27.67 -7.46
CA CYS B 80 38.16 -26.75 -6.75
C CYS B 80 38.11 -26.97 -5.22
N ARG B 81 38.32 -25.87 -4.45
CA ARG B 81 38.30 -25.87 -2.98
C ARG B 81 36.99 -25.21 -2.48
N VAL B 82 36.01 -26.04 -2.04
CA VAL B 82 34.69 -25.61 -1.56
C VAL B 82 34.51 -25.86 -0.06
N ASN B 83 33.87 -24.90 0.65
CA ASN B 83 33.52 -25.04 2.07
C ASN B 83 32.11 -24.52 2.36
N HIS B 84 31.41 -25.25 3.22
CA HIS B 84 30.04 -24.99 3.62
C HIS B 84 29.85 -25.54 5.04
N VAL B 85 28.82 -25.05 5.75
CA VAL B 85 28.40 -25.42 7.11
C VAL B 85 28.40 -26.96 7.30
N THR B 86 27.96 -27.69 6.26
CA THR B 86 27.85 -29.16 6.22
C THR B 86 29.18 -29.89 6.17
N LEU B 87 30.26 -29.18 5.77
CA LEU B 87 31.59 -29.76 5.65
C LEU B 87 32.47 -29.45 6.84
N SER B 88 33.12 -30.50 7.38
CA SER B 88 34.06 -30.46 8.51
C SER B 88 35.42 -29.91 8.09
N GLN B 89 35.81 -30.14 6.83
CA GLN B 89 37.05 -29.66 6.21
C GLN B 89 36.78 -29.30 4.74
N PRO B 90 37.51 -28.37 4.09
CA PRO B 90 37.19 -28.05 2.68
C PRO B 90 37.42 -29.20 1.70
N LYS B 91 36.34 -29.60 1.00
CA LYS B 91 36.30 -30.66 -0.02
C LYS B 91 36.88 -30.16 -1.33
N ILE B 92 37.73 -30.98 -1.96
CA ILE B 92 38.38 -30.67 -3.24
C ILE B 92 37.96 -31.67 -4.33
N VAL B 93 37.52 -31.15 -5.49
CA VAL B 93 37.11 -31.95 -6.65
C VAL B 93 38.07 -31.62 -7.81
N LYS B 94 38.70 -32.67 -8.38
CA LYS B 94 39.66 -32.56 -9.47
C LYS B 94 39.01 -32.51 -10.85
N TRP B 95 39.52 -31.61 -11.71
CA TRP B 95 39.05 -31.47 -13.10
C TRP B 95 39.64 -32.62 -13.90
N ASP B 96 38.77 -33.32 -14.65
CA ASP B 96 39.13 -34.45 -15.49
C ASP B 96 38.50 -34.26 -16.87
N ARG B 97 39.34 -34.34 -17.93
CA ARG B 97 38.92 -34.16 -19.32
C ARG B 97 38.13 -35.38 -19.83
N ASP B 98 38.62 -36.60 -19.54
CA ASP B 98 38.05 -37.88 -19.96
C ASP B 98 36.59 -38.10 -19.50
N MET B 99 36.30 -37.84 -18.21
CA MET B 99 34.97 -38.02 -17.61
C MET B 99 34.72 -37.12 -16.38
N PHE C 1 8.77 -8.60 -14.97
CA PHE C 1 8.35 -7.49 -14.12
C PHE C 1 7.74 -7.99 -12.81
N GLU C 2 8.47 -7.72 -11.73
CA GLU C 2 8.15 -8.07 -10.36
C GLU C 2 7.28 -6.98 -9.75
N ASP C 3 6.37 -7.38 -8.89
CA ASP C 3 5.50 -6.43 -8.20
C ASP C 3 5.96 -6.40 -6.74
N LEU C 4 5.44 -5.44 -5.95
CA LEU C 4 5.72 -5.36 -4.52
C LEU C 4 5.18 -6.61 -3.79
N ARG C 5 5.79 -6.94 -2.63
CA ARG C 5 5.31 -8.02 -1.77
C ARG C 5 3.92 -7.57 -1.31
N VAL C 6 2.92 -8.44 -1.49
CA VAL C 6 1.49 -8.18 -1.18
C VAL C 6 1.27 -7.79 0.29
N LEU C 7 1.72 -8.64 1.23
CA LEU C 7 1.64 -8.41 2.68
C LEU C 7 2.68 -9.26 3.40
N SER C 8 3.20 -8.75 4.53
CA SER C 8 4.19 -9.40 5.39
C SER C 8 3.57 -10.56 6.17
N PHE C 9 4.43 -11.39 6.76
CA PHE C 9 4.04 -12.56 7.54
C PHE C 9 3.28 -12.23 8.82
N GLN D 1 -5.39 12.80 -9.89
CA GLN D 1 -5.61 11.68 -10.80
C GLN D 1 -7.04 11.10 -10.77
N PRO D 2 -7.67 10.71 -9.62
CA PRO D 2 -9.04 10.17 -9.68
C PRO D 2 -10.05 11.29 -9.91
N VAL D 3 -10.78 11.19 -11.04
CA VAL D 3 -11.77 12.20 -11.45
C VAL D 3 -13.16 11.81 -10.94
N GLN D 4 -13.82 12.72 -10.19
CA GLN D 4 -15.18 12.56 -9.69
C GLN D 4 -16.14 13.46 -10.47
N SER D 5 -17.17 12.83 -11.10
CA SER D 5 -18.14 13.45 -12.01
C SER D 5 -19.04 14.55 -11.42
N PRO D 6 -19.84 14.36 -10.33
CA PRO D 6 -20.67 15.49 -9.85
C PRO D 6 -19.89 16.66 -9.25
N GLN D 7 -18.80 16.39 -8.50
CA GLN D 7 -17.89 17.33 -7.81
C GLN D 7 -18.56 18.23 -6.72
N ALA D 8 -19.90 18.40 -6.80
CA ALA D 8 -20.78 19.16 -5.88
C ALA D 8 -22.22 18.97 -6.38
N VAL D 9 -23.15 18.61 -5.46
CA VAL D 9 -24.58 18.38 -5.75
C VAL D 9 -25.48 18.68 -4.56
N ILE D 10 -26.64 19.32 -4.83
CA ILE D 10 -27.69 19.69 -3.86
C ILE D 10 -28.98 18.94 -4.25
N LEU D 11 -29.55 18.18 -3.30
CA LEU D 11 -30.76 17.39 -3.56
C LEU D 11 -31.78 17.41 -2.43
N ARG D 12 -33.06 17.16 -2.76
CA ARG D 12 -34.17 17.10 -1.80
C ARG D 12 -34.08 15.84 -0.93
N GLU D 13 -34.82 15.82 0.20
CA GLU D 13 -34.84 14.66 1.11
C GLU D 13 -35.63 13.51 0.47
N GLY D 14 -35.01 12.34 0.40
CA GLY D 14 -35.61 11.15 -0.19
C GLY D 14 -35.22 10.91 -1.65
N GLU D 15 -34.83 12.00 -2.36
CA GLU D 15 -34.39 12.01 -3.76
C GLU D 15 -33.18 11.08 -3.95
N ASP D 16 -33.10 10.42 -5.13
CA ASP D 16 -32.03 9.47 -5.45
C ASP D 16 -30.84 10.11 -6.17
N ALA D 17 -29.69 10.18 -5.49
CA ALA D 17 -28.44 10.76 -6.01
C ALA D 17 -27.51 9.66 -6.55
N VAL D 18 -26.75 10.00 -7.62
CA VAL D 18 -25.81 9.06 -8.27
C VAL D 18 -24.44 9.76 -8.44
N ILE D 19 -23.43 9.33 -7.65
CA ILE D 19 -22.06 9.87 -7.72
C ILE D 19 -21.24 8.99 -8.68
N ASN D 20 -20.50 9.61 -9.60
CA ASN D 20 -19.68 8.85 -10.55
C ASN D 20 -18.21 9.21 -10.41
N CYS D 21 -17.33 8.25 -10.67
CA CYS D 21 -15.88 8.43 -10.64
C CYS D 21 -15.19 7.58 -11.70
N SER D 22 -14.09 8.09 -12.27
CA SER D 22 -13.32 7.39 -13.29
C SER D 22 -11.81 7.61 -13.17
N SER D 23 -11.04 6.69 -13.78
CA SER D 23 -9.58 6.74 -13.87
C SER D 23 -9.16 6.50 -15.32
N SER D 24 -7.85 6.61 -15.60
CA SER D 24 -7.24 6.44 -16.92
C SER D 24 -6.40 5.16 -16.89
N LYS D 25 -5.83 4.87 -15.70
CA LYS D 25 -4.99 3.73 -15.41
C LYS D 25 -5.82 2.70 -14.62
N ALA D 26 -5.81 1.43 -15.07
CA ALA D 26 -6.55 0.33 -14.45
C ALA D 26 -6.17 0.14 -12.99
N LEU D 27 -7.16 0.28 -12.11
CA LEU D 27 -7.00 0.18 -10.66
C LEU D 27 -7.36 -1.20 -10.17
N TYR D 28 -6.69 -1.63 -9.09
CA TYR D 28 -6.97 -2.91 -8.45
C TYR D 28 -8.24 -2.79 -7.60
N SER D 29 -8.40 -1.66 -6.88
CA SER D 29 -9.54 -1.44 -5.97
C SER D 29 -9.98 0.01 -5.81
N VAL D 30 -11.30 0.22 -5.51
CA VAL D 30 -11.92 1.53 -5.30
C VAL D 30 -12.60 1.59 -3.91
N HIS D 31 -12.24 2.59 -3.11
CA HIS D 31 -12.76 2.87 -1.78
C HIS D 31 -13.72 4.06 -1.88
N TRP D 32 -14.75 4.09 -1.03
CA TRP D 32 -15.66 5.22 -0.95
C TRP D 32 -15.74 5.65 0.50
N TYR D 33 -15.45 6.94 0.76
CA TYR D 33 -15.46 7.53 2.09
C TYR D 33 -16.39 8.75 2.10
N ARG D 34 -17.01 9.05 3.24
CA ARG D 34 -17.86 10.22 3.39
C ARG D 34 -17.30 11.02 4.57
N GLN D 35 -17.15 12.34 4.44
CA GLN D 35 -16.55 13.14 5.51
C GLN D 35 -17.40 14.33 5.94
N LYS D 36 -17.36 14.66 7.24
CA LYS D 36 -18.12 15.79 7.79
C LYS D 36 -17.19 16.98 8.12
N HIS D 37 -16.70 17.63 7.04
CA HIS D 37 -15.79 18.78 6.93
C HIS D 37 -14.54 18.74 7.85
N GLY D 38 -14.70 18.87 9.17
CA GLY D 38 -13.56 18.87 10.08
C GLY D 38 -13.36 17.59 10.85
N GLU D 39 -13.89 16.47 10.31
CA GLU D 39 -13.81 15.14 10.93
C GLU D 39 -13.00 14.12 10.10
N ALA D 40 -13.00 12.84 10.52
CA ALA D 40 -12.32 11.73 9.85
C ALA D 40 -13.27 11.13 8.80
N PRO D 41 -12.81 10.90 7.54
CA PRO D 41 -13.71 10.30 6.54
C PRO D 41 -14.10 8.88 6.95
N VAL D 42 -15.43 8.64 7.04
CA VAL D 42 -16.02 7.36 7.42
C VAL D 42 -16.13 6.44 6.21
N PHE D 43 -15.61 5.21 6.37
CA PHE D 43 -15.57 4.19 5.33
C PHE D 43 -16.94 3.63 4.96
N LEU D 44 -17.25 3.65 3.66
CA LEU D 44 -18.50 3.13 3.11
C LEU D 44 -18.31 1.69 2.65
N MET D 45 -17.57 1.48 1.54
CA MET D 45 -17.28 0.14 0.99
C MET D 45 -16.05 0.11 0.05
N ILE D 46 -15.52 -1.11 -0.16
CA ILE D 46 -14.39 -1.42 -1.04
C ILE D 46 -14.87 -2.36 -2.16
N LEU D 47 -14.31 -2.20 -3.37
CA LEU D 47 -14.65 -3.03 -4.55
C LEU D 47 -13.36 -3.51 -5.22
N LEU D 48 -13.16 -4.85 -5.30
CA LEU D 48 -11.97 -5.46 -5.91
C LEU D 48 -12.19 -5.85 -7.38
N LYS D 49 -13.36 -6.45 -7.69
CA LYS D 49 -13.84 -6.84 -9.03
C LYS D 49 -14.74 -5.64 -9.49
N GLY D 50 -15.19 -5.50 -10.74
CA GLY D 50 -15.15 -6.42 -11.87
C GLY D 50 -16.58 -6.62 -12.35
N GLY D 51 -17.50 -5.89 -11.73
CA GLY D 51 -18.94 -5.91 -11.94
C GLY D 51 -19.66 -5.22 -10.79
N GLU D 52 -20.98 -5.43 -10.65
CA GLU D 52 -21.76 -4.81 -9.58
C GLU D 52 -21.73 -5.64 -8.28
N GLN D 53 -21.32 -5.00 -7.17
CA GLN D 53 -21.26 -5.57 -5.82
C GLN D 53 -21.03 -4.48 -4.74
N LYS D 54 -21.87 -4.41 -3.69
CA LYS D 54 -23.04 -5.28 -3.49
C LYS D 54 -24.30 -4.42 -3.44
N GLY D 55 -25.42 -4.98 -3.90
CA GLY D 55 -26.71 -4.31 -3.97
C GLY D 55 -27.40 -4.01 -2.65
N HIS D 56 -26.61 -3.73 -1.57
CA HIS D 56 -27.11 -3.38 -0.24
C HIS D 56 -27.70 -1.97 -0.35
N GLU D 57 -29.06 -1.88 -0.41
CA GLU D 57 -29.84 -0.65 -0.56
C GLU D 57 -29.47 0.47 0.42
N LYS D 58 -29.82 1.72 0.04
CA LYS D 58 -29.55 3.00 0.72
C LYS D 58 -28.19 3.50 0.26
N ILE D 59 -27.14 2.67 0.42
CA ILE D 59 -25.75 2.94 0.03
C ILE D 59 -25.17 1.68 -0.65
N SER D 60 -25.20 1.65 -2.00
CA SER D 60 -24.69 0.56 -2.85
C SER D 60 -23.79 1.11 -3.96
N ALA D 61 -22.77 0.33 -4.38
CA ALA D 61 -21.83 0.78 -5.41
C ALA D 61 -21.66 -0.19 -6.58
N SER D 62 -21.15 0.33 -7.72
CA SER D 62 -20.88 -0.44 -8.95
C SER D 62 -19.45 -0.17 -9.47
N PHE D 63 -18.80 -1.21 -10.00
CA PHE D 63 -17.47 -1.09 -10.61
C PHE D 63 -17.58 -1.64 -12.03
N ASN D 64 -17.40 -0.78 -13.06
CA ASN D 64 -17.53 -1.17 -14.48
C ASN D 64 -16.61 -2.33 -14.89
N GLU D 65 -16.95 -2.95 -16.05
CA GLU D 65 -16.33 -4.09 -16.74
C GLU D 65 -14.86 -4.32 -16.35
N LYS D 66 -13.95 -3.45 -16.86
CA LYS D 66 -12.52 -3.49 -16.60
C LYS D 66 -11.91 -2.19 -17.14
N LYS D 67 -11.66 -1.19 -16.30
CA LYS D 67 -11.92 -1.02 -14.86
C LYS D 67 -12.03 0.52 -14.75
N GLN D 68 -11.33 1.16 -13.79
CA GLN D 68 -11.25 2.63 -13.68
C GLN D 68 -12.54 3.36 -13.27
N GLN D 69 -13.68 3.09 -13.93
CA GLN D 69 -14.94 3.78 -13.68
C GLN D 69 -15.86 3.11 -12.62
N SER D 70 -15.93 3.72 -11.42
CA SER D 70 -16.82 3.23 -10.36
C SER D 70 -17.79 4.30 -9.91
N SER D 71 -19.05 3.90 -9.71
CA SER D 71 -20.11 4.79 -9.29
C SER D 71 -20.78 4.37 -8.00
N LEU D 72 -21.11 5.36 -7.17
CA LEU D 72 -21.81 5.17 -5.90
C LEU D 72 -23.26 5.62 -6.03
N TYR D 73 -24.19 4.80 -5.50
CA TYR D 73 -25.61 5.09 -5.56
C TYR D 73 -26.19 5.33 -4.17
N LEU D 74 -26.99 6.40 -4.03
CA LEU D 74 -27.68 6.76 -2.80
C LEU D 74 -29.16 6.87 -3.15
N THR D 75 -29.99 5.97 -2.55
CA THR D 75 -31.42 5.90 -2.87
C THR D 75 -32.27 6.88 -2.02
N ALA D 76 -32.88 6.41 -0.92
CA ALA D 76 -33.72 7.25 -0.06
C ALA D 76 -32.79 8.10 0.79
N SER D 77 -32.27 9.19 0.17
CA SER D 77 -31.31 10.10 0.78
C SER D 77 -31.88 10.75 2.03
N GLN D 78 -31.14 10.60 3.14
CA GLN D 78 -31.49 11.14 4.44
C GLN D 78 -30.56 12.30 4.74
N LEU D 79 -30.89 13.08 5.80
CA LEU D 79 -30.13 14.26 6.23
C LEU D 79 -28.69 13.94 6.64
N SER D 80 -28.43 12.68 7.09
CA SER D 80 -27.11 12.19 7.50
C SER D 80 -26.15 11.92 6.34
N TYR D 81 -26.66 11.86 5.10
CA TYR D 81 -25.87 11.59 3.89
C TYR D 81 -25.03 12.81 3.43
N SER D 82 -25.26 13.99 4.06
CA SER D 82 -24.56 15.24 3.75
C SER D 82 -23.07 15.19 4.09
N GLY D 83 -22.25 15.68 3.16
CA GLY D 83 -20.80 15.72 3.32
C GLY D 83 -20.02 15.58 2.03
N THR D 84 -18.71 15.32 2.15
CA THR D 84 -17.83 15.15 1.00
C THR D 84 -17.50 13.69 0.77
N TYR D 85 -17.99 13.14 -0.34
CA TYR D 85 -17.76 11.76 -0.75
C TYR D 85 -16.47 11.70 -1.53
N PHE D 86 -15.53 10.85 -1.08
CA PHE D 86 -14.23 10.68 -1.70
C PHE D 86 -14.02 9.29 -2.25
N CYS D 87 -13.44 9.24 -3.45
CA CYS D 87 -13.13 8.03 -4.18
C CYS D 87 -11.63 7.72 -3.99
N GLY D 88 -11.33 6.58 -3.38
CA GLY D 88 -9.97 6.14 -3.12
C GLY D 88 -9.53 5.08 -4.10
N THR D 89 -8.57 5.43 -4.98
CA THR D 89 -8.06 4.54 -6.03
C THR D 89 -6.67 3.92 -5.70
N GLU D 90 -6.53 2.61 -5.91
CA GLU D 90 -5.31 1.86 -5.64
C GLU D 90 -4.84 1.14 -6.90
N ARG D 91 -3.54 1.26 -7.25
CA ARG D 91 -2.97 0.65 -8.45
C ARG D 91 -1.86 -0.40 -8.18
N SER D 92 -1.68 -1.32 -9.14
CA SER D 92 -0.67 -2.39 -9.12
C SER D 92 0.76 -1.82 -9.30
N GLY D 93 1.76 -2.68 -9.03
CA GLY D 93 3.21 -2.43 -9.07
C GLY D 93 3.77 -1.41 -10.05
N GLY D 94 4.37 -0.34 -9.53
CA GLY D 94 4.51 -0.06 -8.10
C GLY D 94 3.84 1.23 -7.68
N TYR D 95 2.56 1.39 -8.07
CA TYR D 95 1.76 2.59 -7.79
C TYR D 95 0.81 2.36 -6.59
N GLN D 96 1.26 1.54 -5.62
CA GLN D 96 0.53 1.21 -4.40
C GLN D 96 0.46 2.40 -3.47
N LYS D 97 -0.66 3.14 -3.59
CA LYS D 97 -1.01 4.32 -2.81
C LYS D 97 -2.51 4.53 -2.98
N VAL D 98 -3.19 5.00 -1.91
CA VAL D 98 -4.62 5.31 -1.96
C VAL D 98 -4.68 6.74 -2.49
N THR D 99 -5.15 6.90 -3.73
CA THR D 99 -5.21 8.23 -4.35
C THR D 99 -6.65 8.76 -4.39
N PHE D 100 -6.80 10.04 -4.00
CA PHE D 100 -8.08 10.75 -3.97
C PHE D 100 -8.00 12.00 -4.88
N GLY D 101 -9.15 12.39 -5.39
CA GLY D 101 -9.28 13.60 -6.19
C GLY D 101 -10.13 14.60 -5.44
N ILE D 102 -10.72 15.55 -6.17
CA ILE D 102 -11.60 16.54 -5.55
C ILE D 102 -12.94 15.82 -5.34
N GLY D 103 -13.27 15.54 -4.08
CA GLY D 103 -14.50 14.85 -3.70
C GLY D 103 -15.77 15.61 -4.04
N THR D 104 -16.93 14.93 -4.00
CA THR D 104 -18.20 15.60 -4.32
C THR D 104 -18.92 16.06 -3.05
N LYS D 105 -19.18 17.37 -2.96
CA LYS D 105 -19.86 17.98 -1.84
C LYS D 105 -21.39 17.80 -1.98
N LEU D 106 -21.92 16.76 -1.32
CA LEU D 106 -23.32 16.41 -1.35
C LEU D 106 -24.07 17.15 -0.25
N GLN D 107 -25.13 17.86 -0.65
CA GLN D 107 -25.99 18.64 0.25
C GLN D 107 -27.45 18.17 0.16
N VAL D 108 -27.97 17.59 1.26
CA VAL D 108 -29.37 17.14 1.30
C VAL D 108 -30.18 18.27 1.95
N ILE D 109 -31.17 18.81 1.22
CA ILE D 109 -32.03 19.89 1.71
C ILE D 109 -33.33 19.31 2.30
N PRO D 110 -33.77 19.79 3.49
CA PRO D 110 -35.00 19.24 4.07
C PRO D 110 -36.24 19.69 3.32
N ASN D 111 -37.21 18.78 3.15
CA ASN D 111 -38.48 19.09 2.51
C ASN D 111 -39.43 19.54 3.63
N ILE D 112 -39.58 20.87 3.80
CA ILE D 112 -40.39 21.47 4.86
C ILE D 112 -41.86 21.26 4.60
N GLN D 113 -42.46 20.35 5.39
CA GLN D 113 -43.87 19.98 5.31
C GLN D 113 -44.76 21.19 5.60
N ASN D 114 -44.55 21.84 6.77
CA ASN D 114 -45.35 23.00 7.16
C ASN D 114 -44.50 24.25 7.43
N PRO D 115 -44.00 24.94 6.37
CA PRO D 115 -43.20 26.15 6.61
C PRO D 115 -43.97 27.26 7.28
N ASP D 116 -43.26 28.03 8.12
CA ASP D 116 -43.79 29.14 8.88
C ASP D 116 -42.72 30.25 8.93
N PRO D 117 -42.50 31.00 7.81
CA PRO D 117 -41.45 32.04 7.83
C PRO D 117 -41.73 33.08 8.92
N ALA D 118 -40.73 33.29 9.81
CA ALA D 118 -40.84 34.21 10.95
C ALA D 118 -39.47 34.71 11.44
N VAL D 119 -39.41 36.00 11.85
CA VAL D 119 -38.21 36.65 12.38
C VAL D 119 -38.47 37.08 13.84
N TYR D 120 -37.86 36.38 14.80
CA TYR D 120 -38.02 36.65 16.22
C TYR D 120 -36.83 37.39 16.84
N GLN D 121 -37.04 38.05 17.98
CA GLN D 121 -36.01 38.78 18.72
C GLN D 121 -35.82 38.09 20.07
N LEU D 122 -34.63 37.51 20.30
CA LEU D 122 -34.32 36.76 21.53
C LEU D 122 -33.62 37.61 22.60
N ARG D 123 -34.00 37.37 23.89
CA ARG D 123 -33.54 38.07 25.10
C ARG D 123 -32.04 38.21 25.20
N ASP D 124 -31.58 39.45 25.44
CA ASP D 124 -30.21 40.01 25.55
C ASP D 124 -29.90 40.95 24.33
N SER D 125 -30.46 40.60 23.11
CA SER D 125 -30.44 41.28 21.78
C SER D 125 -29.83 40.43 20.64
N VAL D 126 -30.71 39.69 19.89
CA VAL D 126 -30.37 38.83 18.74
C VAL D 126 -31.63 38.55 17.88
N CYS D 127 -31.47 38.48 16.54
CA CYS D 127 -32.55 38.24 15.57
C CYS D 127 -32.49 36.83 14.97
N LEU D 128 -33.60 36.07 15.04
CA LEU D 128 -33.66 34.71 14.53
C LEU D 128 -34.69 34.52 13.41
N PHE D 129 -34.23 34.35 12.16
CA PHE D 129 -35.10 34.06 11.03
C PHE D 129 -35.14 32.54 10.94
N THR D 130 -36.34 31.95 11.16
CA THR D 130 -36.53 30.50 11.24
C THR D 130 -37.82 30.00 10.55
N ASP D 131 -37.93 28.66 10.42
CA ASP D 131 -39.05 27.91 9.82
C ASP D 131 -39.35 28.31 8.36
N PHE D 132 -38.30 28.71 7.61
CA PHE D 132 -38.42 29.09 6.21
C PHE D 132 -38.02 27.91 5.33
N ASP D 133 -38.74 27.72 4.21
CA ASP D 133 -38.51 26.65 3.24
C ASP D 133 -37.08 26.62 2.69
N SER D 134 -36.64 25.45 2.20
CA SER D 134 -35.28 25.29 1.68
C SER D 134 -35.00 26.08 0.39
N GLN D 135 -36.07 26.48 -0.33
CA GLN D 135 -35.99 27.30 -1.56
C GLN D 135 -35.58 28.74 -1.21
N THR D 136 -35.85 29.18 0.05
CA THR D 136 -35.50 30.49 0.60
C THR D 136 -34.00 30.54 0.76
N ASN D 137 -33.35 31.48 0.07
CA ASN D 137 -31.90 31.62 0.11
C ASN D 137 -31.47 32.87 0.88
N VAL D 138 -31.05 32.66 2.15
CA VAL D 138 -30.55 33.68 3.06
C VAL D 138 -29.13 33.98 2.61
N SER D 139 -28.94 35.15 2.00
CA SER D 139 -27.64 35.54 1.46
C SER D 139 -27.33 37.01 1.70
N GLN D 140 -26.00 37.32 1.80
CA GLN D 140 -25.40 38.64 1.98
C GLN D 140 -25.82 39.37 3.27
N SER D 141 -25.05 40.41 3.62
CA SER D 141 -25.22 41.33 4.72
C SER D 141 -24.46 42.58 4.29
N LYS D 142 -25.10 43.40 3.42
CA LYS D 142 -24.50 44.61 2.82
C LYS D 142 -23.93 45.58 3.86
N ASP D 143 -24.52 45.64 5.06
CA ASP D 143 -24.05 46.49 6.14
C ASP D 143 -22.82 45.85 6.81
N SER D 144 -21.83 46.70 7.15
CA SER D 144 -20.56 46.32 7.79
C SER D 144 -20.73 45.80 9.23
N ASP D 145 -21.43 46.57 10.09
CA ASP D 145 -21.68 46.23 11.50
C ASP D 145 -22.72 45.10 11.70
N VAL D 146 -23.51 44.78 10.65
CA VAL D 146 -24.54 43.73 10.70
C VAL D 146 -23.92 42.39 10.30
N TYR D 147 -24.13 41.37 11.15
CA TYR D 147 -23.65 40.01 10.92
C TYR D 147 -24.82 39.09 10.71
N ILE D 148 -24.87 38.45 9.55
CA ILE D 148 -25.92 37.50 9.19
C ILE D 148 -25.24 36.18 8.87
N THR D 149 -25.69 35.10 9.54
CA THR D 149 -25.17 33.75 9.37
C THR D 149 -25.82 33.10 8.14
N ASP D 150 -25.31 31.93 7.71
CA ASP D 150 -25.85 31.16 6.58
C ASP D 150 -26.94 30.25 7.15
N LYS D 151 -27.71 29.58 6.25
CA LYS D 151 -28.76 28.63 6.65
C LYS D 151 -28.14 27.39 7.29
N CYS D 152 -28.75 26.95 8.38
CA CYS D 152 -28.28 25.78 9.11
C CYS D 152 -29.49 24.96 9.55
N VAL D 153 -29.54 23.69 9.12
CA VAL D 153 -30.64 22.77 9.40
C VAL D 153 -30.50 22.08 10.75
N LEU D 154 -31.52 22.28 11.60
CA LEU D 154 -31.69 21.74 12.95
C LEU D 154 -32.63 20.53 12.85
N ASP D 155 -32.36 19.44 13.59
CA ASP D 155 -33.22 18.25 13.53
C ASP D 155 -33.69 17.78 14.92
N MET D 156 -34.95 18.12 15.26
CA MET D 156 -35.57 17.66 16.50
C MET D 156 -35.98 16.20 16.26
N ARG D 157 -35.03 15.26 16.53
CA ARG D 157 -35.20 13.82 16.39
C ARG D 157 -36.34 13.38 17.31
N SER D 158 -36.46 14.07 18.47
CA SER D 158 -37.48 13.91 19.51
C SER D 158 -38.93 13.93 18.95
N MET D 159 -39.19 14.76 17.90
CA MET D 159 -40.49 14.98 17.26
C MET D 159 -40.51 14.72 15.75
N ASP D 160 -39.34 14.37 15.14
CA ASP D 160 -39.14 14.16 13.69
C ASP D 160 -39.33 15.49 12.91
N PHE D 161 -39.11 16.61 13.61
CA PHE D 161 -39.25 17.98 13.10
C PHE D 161 -37.89 18.62 12.72
N LYS D 162 -37.69 18.87 11.42
CA LYS D 162 -36.48 19.57 10.96
C LYS D 162 -36.84 21.01 10.55
N SER D 163 -35.89 21.97 10.71
CA SER D 163 -36.11 23.39 10.40
C SER D 163 -34.85 24.18 10.08
N ASN D 164 -34.94 25.07 9.08
CA ASN D 164 -33.87 25.99 8.66
C ASN D 164 -33.83 27.20 9.62
N SER D 165 -32.66 27.86 9.73
CA SER D 165 -32.45 29.04 10.58
C SER D 165 -31.20 29.87 10.23
N ALA D 166 -31.28 31.17 10.55
CA ALA D 166 -30.23 32.18 10.35
C ALA D 166 -30.34 33.23 11.47
N VAL D 167 -29.25 33.43 12.21
CA VAL D 167 -29.18 34.38 13.32
C VAL D 167 -28.47 35.66 12.88
N ALA D 168 -29.06 36.81 13.24
CA ALA D 168 -28.53 38.14 12.92
C ALA D 168 -28.36 39.00 14.17
N TRP D 169 -27.24 39.74 14.22
CA TRP D 169 -26.89 40.64 15.33
C TRP D 169 -25.99 41.75 14.86
N SER D 170 -26.15 42.94 15.47
CA SER D 170 -25.36 44.13 15.15
C SER D 170 -25.23 45.05 16.37
N ASN D 171 -24.13 45.82 16.41
CA ASN D 171 -23.82 46.77 17.48
C ASN D 171 -24.62 48.08 17.31
N LYS D 172 -25.04 48.38 16.06
CA LYS D 172 -25.79 49.56 15.64
C LYS D 172 -27.16 49.69 16.31
N SER D 173 -27.59 50.95 16.54
CA SER D 173 -28.90 51.29 17.12
C SER D 173 -30.02 51.19 16.08
N ASP D 174 -29.68 51.39 14.78
CA ASP D 174 -30.59 51.35 13.62
C ASP D 174 -30.94 49.91 13.14
N PHE D 175 -30.34 48.88 13.78
CA PHE D 175 -30.57 47.47 13.48
C PHE D 175 -31.98 47.10 13.98
N ALA D 176 -32.93 47.09 13.05
CA ALA D 176 -34.33 46.76 13.32
C ALA D 176 -34.62 45.31 13.02
N CYS D 177 -35.57 44.73 13.77
CA CYS D 177 -35.99 43.34 13.65
C CYS D 177 -36.72 43.05 12.34
N ALA D 178 -37.55 44.02 11.86
CA ALA D 178 -38.29 43.91 10.61
C ALA D 178 -37.38 44.11 9.39
N ASN D 179 -36.41 45.04 9.52
CA ASN D 179 -35.42 45.45 8.52
C ASN D 179 -34.19 44.53 8.50
N ALA D 180 -34.08 43.60 9.48
CA ALA D 180 -32.98 42.67 9.66
C ALA D 180 -32.54 41.90 8.40
N PHE D 181 -33.49 41.33 7.63
CA PHE D 181 -33.19 40.55 6.43
C PHE D 181 -33.79 41.19 5.17
N ASN D 182 -32.95 41.85 4.35
CA ASN D 182 -33.37 42.52 3.12
C ASN D 182 -32.70 41.98 1.87
N ASN D 183 -31.37 41.78 1.92
CA ASN D 183 -30.58 41.24 0.80
C ASN D 183 -30.94 39.77 0.51
N SER D 184 -31.41 39.06 1.54
CA SER D 184 -31.85 37.66 1.46
C SER D 184 -33.26 37.61 0.86
N ILE D 185 -33.50 36.69 -0.11
CA ILE D 185 -34.80 36.53 -0.79
C ILE D 185 -35.88 35.99 0.19
N ILE D 186 -36.47 36.94 0.97
CA ILE D 186 -37.49 36.69 2.00
C ILE D 186 -38.91 36.58 1.41
N PRO D 187 -39.73 35.59 1.85
CA PRO D 187 -41.10 35.46 1.30
C PRO D 187 -42.04 36.63 1.62
N GLU D 188 -43.20 36.69 0.94
CA GLU D 188 -44.19 37.76 1.14
C GLU D 188 -44.93 37.63 2.47
N ASP D 189 -45.36 36.40 2.80
CA ASP D 189 -46.10 36.06 4.01
C ASP D 189 -45.18 35.84 5.23
N THR D 190 -44.03 36.56 5.29
CA THR D 190 -43.07 36.45 6.39
C THR D 190 -43.66 37.10 7.65
N PHE D 191 -43.58 36.37 8.80
CA PHE D 191 -44.11 36.82 10.07
C PHE D 191 -43.16 37.75 10.81
N PHE D 192 -43.70 38.90 11.25
CA PHE D 192 -42.98 39.92 12.02
C PHE D 192 -43.85 40.34 13.21
N PRO D 193 -43.50 39.97 14.46
CA PRO D 193 -44.35 40.36 15.61
C PRO D 193 -44.10 41.78 16.13
N GLY E 1 -7.23 1.46 17.34
CA GLY E 1 -7.26 2.11 16.04
C GLY E 1 -6.06 3.00 15.76
N ILE E 2 -6.32 4.20 15.19
CA ILE E 2 -5.32 5.21 14.84
C ILE E 2 -5.55 6.50 15.65
N THR E 3 -4.47 7.04 16.27
CA THR E 3 -4.54 8.28 17.05
C THR E 3 -3.64 9.33 16.41
N GLN E 4 -4.24 10.38 15.84
CA GLN E 4 -3.56 11.51 15.19
C GLN E 4 -3.55 12.72 16.16
N SER E 5 -2.34 13.20 16.55
CA SER E 5 -2.19 14.29 17.50
C SER E 5 -1.43 15.53 16.97
N PRO E 6 -1.85 16.76 17.35
CA PRO E 6 -3.00 17.12 18.20
C PRO E 6 -4.26 17.40 17.37
N LYS E 7 -5.38 17.70 18.04
CA LYS E 7 -6.61 18.02 17.31
C LYS E 7 -6.45 19.43 16.75
N TYR E 8 -5.99 20.37 17.60
CA TYR E 8 -5.76 21.77 17.24
C TYR E 8 -4.34 22.22 17.55
N LEU E 9 -3.70 22.88 16.56
CA LEU E 9 -2.32 23.37 16.66
C LEU E 9 -2.11 24.67 15.90
N PHE E 10 -1.38 25.61 16.53
CA PHE E 10 -0.98 26.88 15.96
C PHE E 10 0.53 26.84 15.67
N ARG E 11 1.00 27.69 14.74
CA ARG E 11 2.41 27.75 14.33
C ARG E 11 2.82 29.21 14.13
N LYS E 12 4.02 29.57 14.60
CA LYS E 12 4.57 30.92 14.43
C LYS E 12 5.31 30.97 13.08
N GLU E 13 5.71 32.18 12.61
CA GLU E 13 6.44 32.32 11.34
C GLU E 13 7.86 31.72 11.43
N GLY E 14 8.20 30.92 10.41
CA GLY E 14 9.49 30.23 10.32
C GLY E 14 9.69 29.17 11.38
N GLN E 15 8.58 28.61 11.91
CA GLN E 15 8.60 27.56 12.93
C GLN E 15 8.29 26.20 12.34
N ASN E 16 8.88 25.13 12.94
CA ASN E 16 8.72 23.73 12.53
C ASN E 16 7.93 22.95 13.60
N VAL E 17 6.91 22.18 13.18
CA VAL E 17 6.07 21.39 14.09
C VAL E 17 5.89 19.95 13.63
N THR E 18 5.97 18.99 14.56
CA THR E 18 5.83 17.57 14.26
C THR E 18 4.49 17.03 14.74
N LEU E 19 3.66 16.61 13.76
CA LEU E 19 2.33 16.04 13.93
C LEU E 19 2.47 14.54 14.16
N SER E 20 1.71 14.00 15.11
CA SER E 20 1.75 12.59 15.49
C SER E 20 0.66 11.73 14.85
N CYS E 21 0.97 10.43 14.65
CA CYS E 21 0.10 9.40 14.11
C CYS E 21 0.59 8.03 14.56
N GLU E 22 -0.18 7.40 15.45
CA GLU E 22 0.15 6.10 16.01
C GLU E 22 -1.00 5.10 15.86
N GLN E 23 -0.64 3.82 15.57
CA GLN E 23 -1.59 2.71 15.43
C GLN E 23 -1.11 1.44 16.15
N ASN E 24 -2.05 0.53 16.46
CA ASN E 24 -1.80 -0.74 17.15
C ASN E 24 -2.37 -1.94 16.39
N LEU E 25 -3.14 -1.69 15.30
CA LEU E 25 -3.79 -2.69 14.45
C LEU E 25 -2.77 -3.56 13.68
N ASN E 26 -1.46 -3.23 13.81
CA ASN E 26 -0.31 -3.89 13.18
C ASN E 26 -0.31 -3.70 11.65
N HIS E 27 -0.88 -2.57 11.20
CA HIS E 27 -0.97 -2.19 9.80
C HIS E 27 0.37 -1.78 9.20
N ASP E 28 0.72 -2.34 8.03
CA ASP E 28 2.00 -2.08 7.37
C ASP E 28 2.08 -0.69 6.75
N ALA E 29 1.04 -0.30 5.98
CA ALA E 29 0.92 0.99 5.28
C ALA E 29 0.37 2.13 6.13
N MET E 30 0.99 3.34 6.01
CA MET E 30 0.60 4.58 6.70
C MET E 30 0.65 5.78 5.73
N TYR E 31 -0.36 6.68 5.80
CA TYR E 31 -0.50 7.80 4.87
C TYR E 31 -0.77 9.16 5.52
N TRP E 32 -0.19 10.24 4.97
CA TRP E 32 -0.40 11.63 5.41
C TRP E 32 -1.00 12.46 4.28
N TYR E 33 -2.12 13.14 4.57
CA TYR E 33 -2.84 13.97 3.59
C TYR E 33 -3.01 15.40 4.06
N ARG E 34 -3.23 16.31 3.11
CA ARG E 34 -3.49 17.72 3.35
C ARG E 34 -4.79 18.10 2.64
N GLN E 35 -5.80 18.52 3.42
CA GLN E 35 -7.11 18.92 2.89
C GLN E 35 -7.23 20.43 2.85
N ASP E 36 -7.54 20.93 1.65
CA ASP E 36 -7.74 22.35 1.34
C ASP E 36 -8.97 22.50 0.44
N PRO E 37 -9.85 23.51 0.67
CA PRO E 37 -11.04 23.65 -0.19
C PRO E 37 -10.73 23.73 -1.68
N GLY E 38 -11.46 22.94 -2.48
CA GLY E 38 -11.31 22.89 -3.93
C GLY E 38 -10.22 21.97 -4.44
N GLN E 39 -9.16 21.78 -3.65
CA GLN E 39 -8.03 20.91 -3.99
C GLN E 39 -8.34 19.46 -3.57
N GLY E 40 -9.08 19.30 -2.46
CA GLY E 40 -9.49 18.01 -1.91
C GLY E 40 -8.40 17.35 -1.07
N LEU E 41 -8.41 16.00 -1.05
CA LEU E 41 -7.39 15.23 -0.32
C LEU E 41 -6.16 15.05 -1.21
N ARG E 42 -4.98 15.33 -0.63
CA ARG E 42 -3.72 15.25 -1.37
C ARG E 42 -2.65 14.57 -0.54
N LEU E 43 -2.02 13.52 -1.13
CA LEU E 43 -0.99 12.71 -0.50
C LEU E 43 0.36 13.45 -0.40
N ILE E 44 0.81 13.74 0.85
CA ILE E 44 2.09 14.39 1.14
C ILE E 44 3.21 13.30 1.07
N TYR E 45 3.17 12.38 2.06
CA TYR E 45 4.10 11.26 2.23
C TYR E 45 3.33 9.99 2.56
N TYR E 46 3.94 8.83 2.28
CA TYR E 46 3.37 7.51 2.58
C TYR E 46 4.46 6.47 2.86
N SER E 47 4.11 5.42 3.62
CA SER E 47 5.06 4.36 3.98
C SER E 47 4.37 2.99 3.97
N GLN E 48 4.89 2.01 3.19
CA GLN E 48 4.29 0.68 3.13
C GLN E 48 4.93 -0.33 4.09
N ILE E 49 6.06 0.06 4.73
CA ILE E 49 6.83 -0.79 5.65
C ILE E 49 7.75 0.08 6.53
N VAL E 50 8.39 -0.53 7.54
CA VAL E 50 9.37 0.10 8.42
C VAL E 50 10.60 0.50 7.59
N ASN E 51 11.23 1.63 7.95
CA ASN E 51 12.43 2.23 7.34
C ASN E 51 12.22 2.79 5.94
N ASP E 52 11.15 2.37 5.25
CA ASP E 52 10.88 2.82 3.90
C ASP E 52 9.67 3.72 3.86
N PHE E 53 9.85 4.92 3.30
CA PHE E 53 8.80 5.91 3.09
C PHE E 53 9.06 6.56 1.74
N GLN E 54 7.99 6.94 1.03
CA GLN E 54 8.10 7.55 -0.29
C GLN E 54 7.34 8.87 -0.39
N LYS E 55 7.95 9.85 -1.10
CA LYS E 55 7.39 11.19 -1.30
C LYS E 55 6.38 11.26 -2.45
N GLY E 56 5.92 12.46 -2.74
CA GLY E 56 4.94 12.74 -3.78
C GLY E 56 3.58 12.86 -3.14
N ASP E 57 2.83 13.94 -3.45
CA ASP E 57 3.17 14.98 -4.40
C ASP E 57 3.38 16.35 -3.73
N ILE E 58 2.90 16.54 -2.48
CA ILE E 58 3.12 17.79 -1.75
C ILE E 58 4.34 17.69 -0.83
N ALA E 59 5.38 18.43 -1.22
CA ALA E 59 6.71 18.60 -0.60
C ALA E 59 7.44 19.66 -1.52
N GLU E 60 8.48 20.39 -1.06
CA GLU E 60 9.18 20.36 0.24
C GLU E 60 8.29 20.94 1.35
N GLY E 61 8.90 21.24 2.50
CA GLY E 61 8.21 21.76 3.67
C GLY E 61 7.79 20.65 4.59
N TYR E 62 7.89 19.39 4.11
CA TYR E 62 7.50 18.21 4.87
C TYR E 62 8.60 17.17 4.92
N SER E 63 8.70 16.47 6.08
CA SER E 63 9.66 15.40 6.37
C SER E 63 9.01 14.36 7.29
N VAL E 64 9.26 13.05 7.04
CA VAL E 64 8.72 11.93 7.84
C VAL E 64 9.81 10.91 8.18
N SER E 65 9.48 9.95 9.06
CA SER E 65 10.36 8.85 9.46
C SER E 65 9.51 7.62 9.82
N ARG E 66 9.98 6.39 9.51
CA ARG E 66 9.25 5.17 9.86
C ARG E 66 10.13 4.19 10.68
N GLU E 67 10.51 4.63 11.88
CA GLU E 67 11.36 3.90 12.82
C GLU E 67 10.67 2.70 13.44
N LYS E 68 9.33 2.74 13.52
CA LYS E 68 8.48 1.66 14.05
C LYS E 68 7.30 1.45 13.11
N LYS E 69 6.63 0.29 13.21
CA LYS E 69 5.44 -0.04 12.44
C LYS E 69 4.25 0.79 12.95
N GLU E 70 4.26 1.12 14.25
CA GLU E 70 3.23 1.82 14.99
C GLU E 70 3.15 3.31 14.67
N SER E 71 4.30 3.98 14.54
CA SER E 71 4.30 5.42 14.32
C SER E 71 4.89 5.85 12.99
N PHE E 72 4.28 6.91 12.42
CA PHE E 72 4.68 7.58 11.19
C PHE E 72 4.47 9.10 11.40
N PRO E 73 5.40 9.84 12.07
CA PRO E 73 5.14 11.26 12.31
C PRO E 73 5.56 12.20 11.18
N LEU E 74 4.72 13.21 10.89
CA LEU E 74 4.96 14.20 9.85
C LEU E 74 5.43 15.50 10.47
N THR E 75 6.61 15.96 10.05
CA THR E 75 7.23 17.20 10.49
C THR E 75 7.04 18.23 9.40
N VAL E 76 6.30 19.29 9.72
CA VAL E 76 6.07 20.40 8.80
C VAL E 76 7.04 21.53 9.20
N THR E 77 7.99 21.83 8.30
CA THR E 77 9.05 22.81 8.49
C THR E 77 8.56 24.26 8.23
N SER E 78 9.51 25.20 8.01
CA SER E 78 9.26 26.63 7.78
C SER E 78 8.48 26.95 6.49
N ALA E 79 8.40 26.01 5.53
CA ALA E 79 7.65 26.20 4.30
C ALA E 79 6.25 25.58 4.41
N GLN E 80 5.20 26.30 3.89
CA GLN E 80 3.74 25.97 3.83
C GLN E 80 2.84 26.92 4.67
N PRO E 81 1.55 27.19 4.28
CA PRO E 81 0.72 28.10 5.09
C PRO E 81 -0.19 27.41 6.13
N THR E 82 -1.54 27.49 5.93
CA THR E 82 -2.60 26.95 6.79
C THR E 82 -3.44 25.88 6.06
N ALA E 83 -3.66 24.70 6.71
CA ALA E 83 -4.42 23.58 6.15
C ALA E 83 -4.88 22.54 7.20
N PHE E 84 -5.82 21.65 6.82
CA PHE E 84 -6.31 20.56 7.66
C PHE E 84 -5.60 19.24 7.26
N TYR E 85 -4.79 18.68 8.17
CA TYR E 85 -4.05 17.45 7.88
C TYR E 85 -4.76 16.22 8.41
N LEU E 86 -4.97 15.23 7.53
CA LEU E 86 -5.60 13.98 7.87
C LEU E 86 -4.58 12.87 7.83
N CYS E 87 -4.82 11.77 8.55
CA CYS E 87 -3.89 10.66 8.56
C CYS E 87 -4.57 9.30 8.47
N ALA E 88 -4.15 8.49 7.49
CA ALA E 88 -4.68 7.16 7.23
C ALA E 88 -3.63 6.05 7.50
N SER E 89 -4.11 4.79 7.67
CA SER E 89 -3.28 3.61 7.92
C SER E 89 -4.01 2.32 7.50
N SER E 90 -3.48 1.61 6.47
CA SER E 90 -4.07 0.36 5.99
C SER E 90 -3.15 -0.83 6.27
N MET E 91 -3.73 -2.05 6.46
CA MET E 91 -3.02 -3.30 6.76
C MET E 91 -1.95 -3.61 5.73
N SER E 92 -2.37 -3.84 4.49
CA SER E 92 -1.53 -4.10 3.33
C SER E 92 -2.10 -3.21 2.28
N ALA E 93 -1.38 -2.17 1.90
CA ALA E 93 -1.95 -1.32 0.88
C ALA E 93 -1.05 -1.33 -0.34
N MET E 94 -1.60 -1.56 -1.56
CA MET E 94 -3.01 -1.69 -1.97
C MET E 94 -3.82 -2.90 -1.42
N GLY E 95 -5.13 -2.88 -1.65
CA GLY E 95 -6.05 -3.95 -1.31
C GLY E 95 -7.05 -3.61 -0.23
N THR E 96 -6.58 -3.67 1.02
CA THR E 96 -7.37 -3.45 2.22
C THR E 96 -7.80 -2.01 2.44
N GLU E 97 -8.83 -1.83 3.29
CA GLU E 97 -9.43 -0.56 3.71
C GLU E 97 -8.45 0.29 4.53
N ALA E 98 -8.51 1.62 4.34
CA ALA E 98 -7.69 2.57 5.09
C ALA E 98 -8.55 3.26 6.13
N PHE E 99 -8.10 3.22 7.39
CA PHE E 99 -8.79 3.82 8.51
C PHE E 99 -8.10 5.15 8.84
N PHE E 100 -8.89 6.17 9.17
CA PHE E 100 -8.39 7.52 9.44
C PHE E 100 -8.25 7.90 10.93
N GLY E 101 -7.54 9.01 11.14
CA GLY E 101 -7.32 9.66 12.43
C GLY E 101 -8.23 10.86 12.50
N GLN E 102 -8.42 11.44 13.71
CA GLN E 102 -9.32 12.58 13.97
C GLN E 102 -9.09 13.80 13.05
N GLY E 103 -7.83 14.11 12.79
CA GLY E 103 -7.43 15.24 11.96
C GLY E 103 -6.70 16.32 12.74
N THR E 104 -5.96 17.17 12.04
CA THR E 104 -5.20 18.24 12.67
C THR E 104 -5.42 19.55 11.94
N ARG E 105 -5.86 20.57 12.69
CA ARG E 105 -6.07 21.90 12.15
C ARG E 105 -4.82 22.71 12.48
N LEU E 106 -4.09 23.12 11.43
CA LEU E 106 -2.87 23.91 11.56
C LEU E 106 -3.05 25.29 10.94
N THR E 107 -2.93 26.34 11.78
CA THR E 107 -3.04 27.75 11.38
C THR E 107 -1.71 28.44 11.70
N VAL E 108 -1.20 29.27 10.77
CA VAL E 108 0.02 30.02 11.02
C VAL E 108 -0.33 31.40 11.58
N VAL E 109 -0.10 31.57 12.90
CA VAL E 109 -0.33 32.81 13.63
C VAL E 109 0.96 33.64 13.59
N GLU E 110 0.91 34.83 12.99
CA GLU E 110 2.07 35.71 12.85
C GLU E 110 2.53 36.23 14.24
N ASP E 111 1.58 36.71 15.07
CA ASP E 111 1.87 37.20 16.43
C ASP E 111 0.85 36.73 17.47
N LEU E 112 1.34 36.29 18.64
CA LEU E 112 0.56 35.79 19.78
C LEU E 112 -0.47 36.79 20.33
N LYS E 113 -0.25 38.11 20.12
CA LYS E 113 -1.12 39.20 20.58
C LYS E 113 -2.48 39.19 19.85
N ASN E 114 -2.55 38.52 18.68
CA ASN E 114 -3.76 38.36 17.87
C ASN E 114 -4.68 37.27 18.44
N VAL E 115 -4.12 36.35 19.27
CA VAL E 115 -4.85 35.25 19.91
C VAL E 115 -5.83 35.78 20.97
N PHE E 116 -7.13 35.48 20.79
CA PHE E 116 -8.20 35.91 21.67
C PHE E 116 -9.15 34.75 22.03
N PRO E 117 -9.62 34.64 23.30
CA PRO E 117 -10.59 33.59 23.61
C PRO E 117 -12.01 34.03 23.24
N PRO E 118 -13.04 33.15 23.25
CA PRO E 118 -14.38 33.62 22.85
C PRO E 118 -15.18 34.26 23.97
N GLU E 119 -16.09 35.15 23.59
CA GLU E 119 -17.00 35.81 24.51
C GLU E 119 -18.31 35.11 24.24
N VAL E 120 -18.74 34.29 25.20
CA VAL E 120 -19.94 33.43 25.11
C VAL E 120 -21.16 34.02 25.82
N ALA E 121 -22.29 34.08 25.09
CA ALA E 121 -23.59 34.59 25.56
C ALA E 121 -24.75 33.72 25.05
N VAL E 122 -25.79 33.54 25.88
CA VAL E 122 -26.98 32.72 25.56
C VAL E 122 -28.24 33.60 25.49
N PHE E 123 -29.02 33.43 24.40
CA PHE E 123 -30.24 34.19 24.15
C PHE E 123 -31.47 33.35 24.41
N GLU E 124 -32.28 33.80 25.39
CA GLU E 124 -33.51 33.12 25.80
C GLU E 124 -34.58 33.13 24.69
N PRO E 125 -35.23 31.95 24.40
CA PRO E 125 -36.26 31.92 23.34
C PRO E 125 -37.37 32.95 23.52
N SER E 126 -37.81 33.58 22.41
CA SER E 126 -38.84 34.62 22.43
C SER E 126 -40.23 34.05 22.71
N GLU E 127 -41.05 34.84 23.43
CA GLU E 127 -42.42 34.46 23.77
C GLU E 127 -43.27 34.38 22.50
N ALA E 128 -42.98 35.27 21.53
CA ALA E 128 -43.62 35.32 20.22
C ALA E 128 -43.34 34.02 19.41
N GLU E 129 -42.26 33.28 19.76
CA GLU E 129 -41.90 32.01 19.13
C GLU E 129 -42.74 30.89 19.76
N ILE E 130 -43.01 30.97 21.08
CA ILE E 130 -43.81 29.96 21.80
C ILE E 130 -45.31 30.19 21.55
N SER E 131 -45.72 31.45 21.35
CA SER E 131 -47.11 31.80 21.08
C SER E 131 -47.51 31.47 19.64
N HIS E 132 -46.53 31.41 18.72
CA HIS E 132 -46.74 31.12 17.31
C HIS E 132 -46.62 29.62 17.03
N THR E 133 -45.72 28.94 17.74
CA THR E 133 -45.44 27.49 17.64
C THR E 133 -45.05 26.98 19.02
N GLN E 134 -45.53 25.80 19.45
CA GLN E 134 -45.13 25.26 20.77
C GLN E 134 -43.71 24.65 20.70
N LYS E 135 -42.72 25.53 20.39
CA LYS E 135 -41.29 25.26 20.20
C LYS E 135 -40.50 26.48 20.66
N ALA E 136 -39.38 26.24 21.35
CA ALA E 136 -38.53 27.32 21.87
C ALA E 136 -37.08 27.14 21.43
N THR E 137 -36.50 28.18 20.76
CA THR E 137 -35.14 28.13 20.24
C THR E 137 -34.18 29.04 21.01
N LEU E 138 -33.11 28.43 21.54
CA LEU E 138 -32.03 29.08 22.29
C LEU E 138 -30.87 29.32 21.32
N VAL E 139 -30.18 30.45 21.46
CA VAL E 139 -29.04 30.80 20.60
C VAL E 139 -27.82 31.06 21.46
N CYS E 140 -26.66 30.50 21.04
CA CYS E 140 -25.38 30.69 21.72
C CYS E 140 -24.42 31.33 20.73
N LEU E 141 -23.89 32.49 21.11
CA LEU E 141 -22.95 33.24 20.29
C LEU E 141 -21.58 33.33 20.93
N ALA E 142 -20.57 32.91 20.15
CA ALA E 142 -19.17 32.99 20.51
C ALA E 142 -18.68 34.17 19.69
N THR E 143 -18.15 35.19 20.37
CA THR E 143 -17.73 36.41 19.70
C THR E 143 -16.29 36.80 20.04
N GLY E 144 -15.59 37.34 19.05
CA GLY E 144 -14.23 37.86 19.15
C GLY E 144 -13.16 36.90 19.62
N PHE E 145 -12.95 35.81 18.87
CA PHE E 145 -11.92 34.83 19.19
C PHE E 145 -11.01 34.59 18.01
N TYR E 146 -9.74 34.19 18.27
CA TYR E 146 -8.75 33.91 17.23
C TYR E 146 -7.72 32.89 17.73
N PRO E 147 -7.36 31.83 16.96
CA PRO E 147 -7.85 31.44 15.62
C PRO E 147 -9.18 30.69 15.68
N ASP E 148 -9.54 29.94 14.60
CA ASP E 148 -10.80 29.18 14.57
C ASP E 148 -10.64 27.81 15.26
N HIS E 149 -9.92 27.80 16.39
CA HIS E 149 -9.65 26.61 17.18
C HIS E 149 -10.66 26.50 18.33
N VAL E 150 -11.93 26.17 17.99
CA VAL E 150 -13.06 26.02 18.93
C VAL E 150 -13.95 24.80 18.61
N GLU E 151 -14.74 24.37 19.62
CA GLU E 151 -15.75 23.32 19.51
C GLU E 151 -16.90 23.57 20.47
N LEU E 152 -18.05 23.90 19.85
CA LEU E 152 -19.32 24.23 20.49
C LEU E 152 -20.04 22.97 20.93
N SER E 153 -20.59 22.99 22.16
CA SER E 153 -21.31 21.85 22.73
C SER E 153 -22.41 22.30 23.69
N TRP E 154 -23.65 21.85 23.41
CA TRP E 154 -24.82 22.15 24.23
C TRP E 154 -24.96 21.10 25.34
N TRP E 155 -25.22 21.55 26.58
CA TRP E 155 -25.37 20.69 27.75
C TRP E 155 -26.67 21.01 28.47
N VAL E 156 -27.59 20.04 28.51
CA VAL E 156 -28.88 20.17 29.18
C VAL E 156 -28.97 19.11 30.27
N ASN E 157 -29.06 19.57 31.54
CA ASN E 157 -29.13 18.76 32.76
C ASN E 157 -27.87 17.89 32.95
N GLY E 158 -26.71 18.48 32.63
CA GLY E 158 -25.41 17.83 32.75
C GLY E 158 -25.06 16.83 31.67
N LYS E 159 -26.02 16.53 30.77
CA LYS E 159 -25.84 15.57 29.67
C LYS E 159 -25.60 16.33 28.36
N GLU E 160 -24.73 15.79 27.47
CA GLU E 160 -24.44 16.44 26.19
C GLU E 160 -25.53 16.15 25.17
N VAL E 161 -26.11 17.24 24.61
CA VAL E 161 -27.21 17.24 23.64
C VAL E 161 -26.72 17.12 22.18
N HIS E 162 -27.56 16.53 21.30
CA HIS E 162 -27.32 16.39 19.86
C HIS E 162 -28.62 16.57 19.03
N SER E 163 -29.79 16.23 19.61
CA SER E 163 -31.09 16.37 18.93
C SER E 163 -31.62 17.81 19.11
N GLY E 164 -31.82 18.48 17.97
CA GLY E 164 -32.27 19.86 17.90
C GLY E 164 -31.13 20.83 18.12
N VAL E 165 -29.88 20.37 17.90
CA VAL E 165 -28.65 21.15 18.04
C VAL E 165 -28.20 21.54 16.65
N CYS E 166 -27.84 22.82 16.47
CA CYS E 166 -27.47 23.33 15.15
C CYS E 166 -26.38 24.42 15.17
N THR E 167 -25.12 24.04 14.88
CA THR E 167 -23.97 24.94 14.83
C THR E 167 -23.55 25.24 13.37
N ASP E 168 -23.17 26.50 13.07
CA ASP E 168 -22.75 26.95 11.74
C ASP E 168 -21.52 26.20 11.25
N PRO E 169 -21.55 25.59 10.03
CA PRO E 169 -20.37 24.87 9.54
C PRO E 169 -19.11 25.76 9.42
N GLN E 170 -19.30 27.05 9.11
CA GLN E 170 -18.22 28.03 8.98
C GLN E 170 -18.48 29.27 9.83
N PRO E 171 -17.45 29.82 10.53
CA PRO E 171 -17.69 31.02 11.34
C PRO E 171 -17.68 32.29 10.49
N LEU E 172 -18.13 33.41 11.06
CA LEU E 172 -18.12 34.69 10.37
C LEU E 172 -16.92 35.53 10.77
N LYS E 173 -16.31 36.20 9.77
CA LYS E 173 -15.21 37.12 10.00
C LYS E 173 -15.82 38.41 10.54
N GLU E 174 -15.41 38.84 11.74
CA GLU E 174 -15.91 40.08 12.35
C GLU E 174 -15.50 41.32 11.54
N GLN E 175 -14.32 41.26 10.87
CA GLN E 175 -13.79 42.30 9.99
C GLN E 175 -13.43 41.62 8.65
N PRO E 176 -14.41 41.43 7.72
CA PRO E 176 -14.15 40.72 6.45
C PRO E 176 -12.91 41.10 5.63
N ALA E 177 -12.46 42.37 5.70
CA ALA E 177 -11.26 42.86 4.98
C ALA E 177 -9.97 42.22 5.49
N LEU E 178 -9.79 42.18 6.82
CA LEU E 178 -8.65 41.61 7.53
C LEU E 178 -8.58 40.09 7.41
N ASN E 179 -7.36 39.53 7.49
CA ASN E 179 -7.12 38.08 7.48
C ASN E 179 -7.09 37.59 8.95
N ASP E 180 -6.30 38.30 9.80
CA ASP E 180 -6.15 38.03 11.23
C ASP E 180 -7.38 38.51 12.03
N SER E 181 -8.53 38.65 11.34
CA SER E 181 -9.81 39.07 11.90
C SER E 181 -10.36 38.00 12.82
N ARG E 182 -10.93 38.45 13.94
CA ARG E 182 -11.54 37.60 14.97
C ARG E 182 -12.80 36.92 14.43
N TYR E 183 -13.24 35.83 15.06
CA TYR E 183 -14.38 35.09 14.58
C TYR E 183 -15.62 35.14 15.47
N ALA E 184 -16.76 34.81 14.84
CA ALA E 184 -18.09 34.74 15.44
C ALA E 184 -18.75 33.44 14.99
N LEU E 185 -19.39 32.74 15.92
CA LEU E 185 -20.05 31.47 15.62
C LEU E 185 -21.35 31.32 16.39
N SER E 186 -22.41 30.88 15.71
CA SER E 186 -23.69 30.68 16.36
C SER E 186 -24.15 29.24 16.28
N SER E 187 -24.60 28.74 17.43
CA SER E 187 -25.15 27.41 17.61
C SER E 187 -26.54 27.63 18.18
N ARG E 188 -27.50 26.80 17.78
CA ARG E 188 -28.86 26.95 18.27
C ARG E 188 -29.48 25.63 18.72
N LEU E 189 -30.19 25.69 19.86
CA LEU E 189 -30.88 24.55 20.46
C LEU E 189 -32.38 24.78 20.53
N ARG E 190 -33.14 23.90 19.89
CA ARG E 190 -34.58 23.95 19.89
C ARG E 190 -35.18 22.77 20.64
N VAL E 191 -36.13 23.06 21.52
CA VAL E 191 -36.90 22.10 22.33
C VAL E 191 -38.39 22.51 22.32
N SER E 192 -39.29 21.69 22.88
CA SER E 192 -40.72 22.04 22.93
C SER E 192 -40.95 23.18 23.95
N ALA E 193 -42.16 23.77 23.93
CA ALA E 193 -42.54 24.84 24.83
C ALA E 193 -42.48 24.42 26.30
N THR E 194 -42.95 23.18 26.59
CA THR E 194 -42.99 22.58 27.93
C THR E 194 -41.62 22.44 28.60
N PHE E 195 -40.59 22.03 27.82
CA PHE E 195 -39.23 21.84 28.35
C PHE E 195 -38.57 23.15 28.76
N TRP E 196 -38.67 24.19 27.90
CA TRP E 196 -38.12 25.52 28.20
C TRP E 196 -38.88 26.23 29.32
N GLN E 197 -40.21 26.09 29.36
CA GLN E 197 -41.05 26.75 30.36
C GLN E 197 -40.91 26.16 31.78
N ASP E 198 -40.35 24.93 31.89
CA ASP E 198 -40.12 24.30 33.19
C ASP E 198 -38.84 24.85 33.86
N PRO E 199 -38.90 25.27 35.16
CA PRO E 199 -37.70 25.84 35.81
C PRO E 199 -36.60 24.85 36.17
N ARG E 200 -36.96 23.57 36.42
CA ARG E 200 -36.01 22.51 36.80
C ARG E 200 -35.07 22.07 35.64
N ASN E 201 -35.33 22.56 34.40
CA ASN E 201 -34.51 22.30 33.20
C ASN E 201 -33.41 23.35 33.06
N HIS E 202 -32.16 22.89 33.01
CA HIS E 202 -30.94 23.70 32.93
C HIS E 202 -30.34 23.73 31.52
N PHE E 203 -29.97 24.94 31.01
CA PHE E 203 -29.39 25.16 29.68
C PHE E 203 -27.96 25.74 29.68
N ARG E 204 -26.94 24.87 29.53
CA ARG E 204 -25.52 25.25 29.49
C ARG E 204 -25.00 25.13 28.07
N CYS E 205 -24.08 26.03 27.67
CA CYS E 205 -23.49 25.95 26.33
C CYS E 205 -21.99 26.20 26.33
N GLN E 206 -21.24 25.09 26.29
CA GLN E 206 -19.78 25.07 26.30
C GLN E 206 -19.13 25.38 24.96
N VAL E 207 -18.01 26.10 25.03
CA VAL E 207 -17.15 26.48 23.90
C VAL E 207 -15.71 26.19 24.34
N GLN E 208 -15.10 25.14 23.77
CA GLN E 208 -13.73 24.77 24.12
C GLN E 208 -12.76 25.45 23.16
N PHE E 209 -12.02 26.46 23.64
CA PHE E 209 -11.06 27.20 22.82
C PHE E 209 -9.66 26.67 23.05
N TYR E 210 -8.91 26.49 21.95
CA TYR E 210 -7.53 26.01 21.98
C TYR E 210 -6.63 27.19 21.69
N GLY E 211 -5.90 27.64 22.72
CA GLY E 211 -5.03 28.78 22.62
C GLY E 211 -3.57 28.48 22.86
N LEU E 212 -2.92 29.37 23.62
CA LEU E 212 -1.50 29.30 23.97
C LEU E 212 -1.27 28.27 25.05
N SER E 213 -0.03 27.77 25.15
CA SER E 213 0.40 26.77 26.14
C SER E 213 1.12 27.38 27.35
N GLU E 214 1.67 26.50 28.21
CA GLU E 214 2.45 26.85 29.40
C GLU E 214 3.80 27.46 28.99
N ASN E 215 4.38 26.92 27.89
CA ASN E 215 5.66 27.32 27.30
C ASN E 215 5.66 28.72 26.67
N ASP E 216 4.49 29.20 26.21
CA ASP E 216 4.33 30.50 25.55
C ASP E 216 4.58 31.69 26.45
N GLU E 217 5.19 32.73 25.87
CA GLU E 217 5.55 33.98 26.55
C GLU E 217 4.55 35.09 26.20
N TRP E 218 3.73 35.49 27.19
CA TRP E 218 2.71 36.54 27.08
C TRP E 218 3.19 37.82 27.78
N THR E 219 2.89 39.01 27.19
CA THR E 219 3.33 40.30 27.74
C THR E 219 2.21 41.33 28.00
N GLN E 220 1.16 41.32 27.16
CA GLN E 220 0.03 42.25 27.12
C GLN E 220 -0.80 42.46 28.41
N ASP E 221 -1.65 43.51 28.37
CA ASP E 221 -2.58 43.94 29.43
C ASP E 221 -3.70 42.90 29.66
N ARG E 222 -4.08 42.17 28.59
CA ARG E 222 -5.11 41.11 28.63
C ARG E 222 -4.59 39.90 29.39
N ALA E 223 -5.51 39.01 29.82
CA ALA E 223 -5.15 37.76 30.49
C ALA E 223 -4.70 36.76 29.40
N LYS E 224 -3.81 35.82 29.74
CA LYS E 224 -3.28 34.82 28.80
C LYS E 224 -4.39 33.99 28.11
N PRO E 225 -4.53 34.13 26.77
CA PRO E 225 -5.58 33.39 26.06
C PRO E 225 -5.22 31.90 25.84
N VAL E 226 -5.03 31.18 26.95
CA VAL E 226 -4.68 29.76 27.00
C VAL E 226 -5.85 28.87 26.59
N THR E 227 -5.62 27.54 26.53
CA THR E 227 -6.66 26.57 26.20
C THR E 227 -7.68 26.62 27.35
N GLN E 228 -8.91 27.06 27.05
CA GLN E 228 -9.96 27.23 28.06
C GLN E 228 -11.37 26.91 27.58
N ILE E 229 -12.27 26.68 28.54
CA ILE E 229 -13.69 26.41 28.30
C ILE E 229 -14.49 27.60 28.90
N VAL E 230 -15.13 28.38 28.04
CA VAL E 230 -15.96 29.52 28.44
C VAL E 230 -17.41 29.23 28.01
N SER E 231 -18.34 29.22 28.98
CA SER E 231 -19.73 28.87 28.71
C SER E 231 -20.75 29.79 29.34
N ALA E 232 -21.87 30.00 28.62
CA ALA E 232 -23.02 30.79 29.05
C ALA E 232 -24.07 29.83 29.60
N GLU E 233 -24.85 30.29 30.60
CA GLU E 233 -25.89 29.49 31.23
C GLU E 233 -27.26 30.17 31.19
N ALA E 234 -28.31 29.37 31.01
CA ALA E 234 -29.72 29.78 30.97
C ALA E 234 -30.61 28.80 31.77
N TRP E 235 -31.70 29.31 32.34
CA TRP E 235 -32.64 28.52 33.15
C TRP E 235 -34.08 28.60 32.62
N GLY E 236 -34.92 27.65 33.06
CA GLY E 236 -36.33 27.59 32.71
C GLY E 236 -37.14 28.82 33.08
N ARG E 237 -38.18 29.11 32.27
CA ARG E 237 -39.07 30.28 32.41
C ARG E 237 -40.49 29.90 31.96
#